data_5OQN
#
_entry.id   5OQN
#
_cell.length_a   89.149
_cell.length_b   116.220
_cell.length_c   155.518
_cell.angle_alpha   90.00
_cell.angle_beta   90.00
_cell.angle_gamma   90.00
#
_symmetry.space_group_name_H-M   'P 21 21 21'
#
loop_
_entity.id
_entity.type
_entity.pdbx_description
1 polymer 'Condensin complex subunit 3'
2 polymer 'Condensin complex subunit 2'
3 polymer "DNA (5'-D(*GP*AP*TP*GP*TP*GP*TP*AP*GP*CP*TP*AP*CP*AP*CP*AP*TP*C)-3')"
#
loop_
_entity_poly.entity_id
_entity_poly.type
_entity_poly.pdbx_seq_one_letter_code
_entity_poly.pdbx_strand_id
1 'polypeptide(L)'
;MGIDINTKIFNSVAEVFQKAQGSYAGHRKHIAVLKKIQSKAVEQGYEDAFNFWFDKLVTKILPLKKNEIIGDRIVKLVAA
FIASLERELILAKKQNYKLTNDEEGIFSRFVDQFIRHVLRGVESPDKNVRFRVLQLLAVIMDNIGEIDESLFNLLILSLN
KRIYDREPTVRIQAVFCLTKFQDEEQTEHLTELSDNEENFEATRTLVASIQNDPSAEVRRAAMLNLINDNNTRPYILERA
RDVNIVNRRLVYSRILKSMGRKCFDDIEPHIFDQLIEWGLEDRELSVRNACKRLIAHDWLNALDGDLIELLEKLDVSRSS
VCVKAIEALFQSRPDILSKIKFPESIWKDFTVEIAFLFRAIYLYCLDNNITEMLEENFPEASKLSEHLNHYILLRYHHND
ISNDSQSHFDYNTLEFIIEQLSIAAERYDYSDEVGRRSMLTVVRNMLALTTLSEPLIKIGIRVMKSLSINEKDFVTMAIE
IINDIRDDDIEKQESESDIINNLPPEKEASSATIVLCLTRSSYMLELVNTPLTENILIASLMDTLITPAVRNTAPNIREL
GVKNLGLCCLLDVKLAIDNMYILGMCVSKGNASLKYIALQVIVDIFSVHGNTVVDGEGKVDSISLHKIFYKVLKNNGLPE
CQVIAAEGLCKLFLADVFTDDDLFETLVLSYFSPINSSNEALVQAFAFCIPVYCFSHPAHQQRMSRTAADILLRLCVLWD
DLQSSVIPEVDREAMLKPNIIFQQLLFWTDPRNLVNQTGSTKKDTVQLTFLIDVLKIYAQIEKKEIKKMIITNINAIFLS
SEQDYSTLKELLEYSDDIAENDNLDNVSKNALDKLRNNLNSLIEEINERSETQTKDENNTANDQYSSILGN
;
A
2 'polypeptide(L)'
;GPLGHMSIFEKDLMAYFDENLNRNWRGREHWKVRNFKKANKSMDTKKKHKQKKVLEIDFFKTDDSFEDKVFASKGRTKID
MPIKNRKNDTHYLLPDDFHFSTDRITRLFIKPGQKMSLFSHRKHT
;
B
3 'polydeoxyribonucleotide' (DG)(DA)(DT)(DG)(DT)(DG)(DT)(DA)(DG)(DC)(DT)(DA)(DC)(DA)(DC)(DA)(DT)(DC) C,D
#
# COMPACT_ATOMS: atom_id res chain seq x y z
N ILE A 3 52.53 -30.79 -38.33
CA ILE A 3 51.78 -29.71 -37.71
C ILE A 3 52.34 -29.46 -36.30
N ASP A 4 52.22 -28.23 -35.83
CA ASP A 4 52.71 -27.87 -34.51
C ASP A 4 51.75 -28.35 -33.43
N ILE A 5 52.30 -28.61 -32.24
CA ILE A 5 51.48 -29.07 -31.13
C ILE A 5 50.53 -27.97 -30.69
N ASN A 6 51.02 -26.74 -30.61
CA ASN A 6 50.18 -25.63 -30.18
C ASN A 6 48.97 -25.47 -31.11
N THR A 7 49.20 -25.49 -32.43
CA THR A 7 48.10 -25.35 -33.36
C THR A 7 47.10 -26.49 -33.22
N LYS A 8 47.58 -27.71 -32.99
CA LYS A 8 46.67 -28.83 -32.78
C LYS A 8 45.74 -28.56 -31.60
N ILE A 9 46.30 -28.10 -30.48
CA ILE A 9 45.49 -27.78 -29.32
C ILE A 9 44.40 -26.79 -29.69
N PHE A 10 44.76 -25.76 -30.46
CA PHE A 10 43.79 -24.74 -30.83
C PHE A 10 42.65 -25.33 -31.65
N ASN A 11 42.98 -26.21 -32.60
CA ASN A 11 41.93 -26.80 -33.44
C ASN A 11 40.97 -27.64 -32.61
N SER A 12 41.50 -28.40 -31.65
CA SER A 12 40.66 -29.27 -30.85
C SER A 12 39.67 -28.47 -30.02
N VAL A 13 40.17 -27.50 -29.24
CA VAL A 13 39.29 -26.71 -28.40
C VAL A 13 38.34 -25.88 -29.24
N ALA A 14 38.83 -25.30 -30.33
CA ALA A 14 37.97 -24.50 -31.20
C ALA A 14 36.85 -25.35 -31.77
N GLU A 15 37.15 -26.60 -32.12
CA GLU A 15 36.11 -27.49 -32.61
C GLU A 15 34.99 -27.64 -31.59
N VAL A 16 35.36 -27.85 -30.32
CA VAL A 16 34.37 -28.00 -29.25
C VAL A 16 33.46 -26.79 -29.20
N PHE A 17 34.05 -25.61 -29.03
CA PHE A 17 33.26 -24.38 -28.90
C PHE A 17 32.40 -24.14 -30.13
N GLN A 18 32.93 -24.45 -31.32
CA GLN A 18 32.17 -24.17 -32.54
C GLN A 18 30.85 -24.93 -32.57
N LYS A 19 30.87 -26.20 -32.13
CA LYS A 19 29.66 -27.01 -32.11
C LYS A 19 28.83 -26.83 -30.86
N ALA A 20 29.47 -26.59 -29.71
CA ALA A 20 28.73 -26.36 -28.48
C ALA A 20 27.81 -25.15 -28.61
N GLN A 21 28.22 -24.14 -29.38
CA GLN A 21 27.40 -22.95 -29.53
C GLN A 21 26.06 -23.28 -30.19
N GLY A 22 26.03 -24.34 -30.99
CA GLY A 22 24.82 -24.64 -31.75
C GLY A 22 23.68 -25.17 -30.90
N SER A 23 23.98 -25.95 -29.87
CA SER A 23 22.94 -26.59 -29.09
C SER A 23 23.52 -27.12 -27.78
N TYR A 24 22.62 -27.42 -26.85
CA TYR A 24 22.97 -28.13 -25.64
C TYR A 24 23.11 -29.63 -25.84
N ALA A 25 23.02 -30.11 -27.08
CA ALA A 25 22.90 -31.53 -27.34
C ALA A 25 24.12 -32.29 -26.82
N GLY A 26 25.32 -31.83 -27.17
CA GLY A 26 26.52 -32.57 -26.85
C GLY A 26 27.33 -31.95 -25.73
N HIS A 27 26.68 -31.25 -24.81
CA HIS A 27 27.42 -30.62 -23.72
C HIS A 27 28.17 -31.65 -22.89
N ARG A 28 27.55 -32.79 -22.61
CA ARG A 28 28.23 -33.83 -21.84
C ARG A 28 29.50 -34.27 -22.54
N LYS A 29 29.40 -34.64 -23.83
CA LYS A 29 30.56 -35.06 -24.60
C LYS A 29 31.64 -33.99 -24.57
N HIS A 30 31.26 -32.75 -24.88
CA HIS A 30 32.23 -31.66 -24.92
C HIS A 30 33.01 -31.55 -23.63
N ILE A 31 32.30 -31.61 -22.49
CA ILE A 31 32.98 -31.58 -21.19
C ILE A 31 34.03 -32.70 -21.13
N ALA A 32 33.65 -33.91 -21.54
CA ALA A 32 34.58 -35.02 -21.49
C ALA A 32 35.74 -34.80 -22.46
N VAL A 33 35.45 -34.26 -23.64
CA VAL A 33 36.50 -33.98 -24.61
C VAL A 33 37.51 -33.01 -24.02
N LEU A 34 37.04 -31.92 -23.43
CA LEU A 34 37.94 -30.90 -22.91
C LEU A 34 38.89 -31.48 -21.88
N LYS A 35 38.35 -32.20 -20.89
CA LYS A 35 39.20 -32.84 -19.90
C LYS A 35 40.22 -33.75 -20.56
N LYS A 36 39.81 -34.42 -21.65
CA LYS A 36 40.75 -35.26 -22.39
C LYS A 36 41.81 -34.42 -23.10
N ILE A 37 41.38 -33.38 -23.81
CA ILE A 37 42.33 -32.47 -24.44
C ILE A 37 43.25 -31.87 -23.39
N GLN A 38 42.70 -31.50 -22.24
CA GLN A 38 43.51 -30.93 -21.17
C GLN A 38 44.50 -31.96 -20.63
N SER A 39 44.03 -33.18 -20.38
CA SER A 39 44.91 -34.21 -19.84
C SER A 39 46.06 -34.52 -20.79
N LYS A 40 45.78 -34.49 -22.10
CA LYS A 40 46.82 -34.76 -23.09
C LYS A 40 47.77 -33.57 -23.24
N ALA A 41 47.30 -32.36 -22.95
CA ALA A 41 48.16 -31.19 -23.03
C ALA A 41 49.10 -31.10 -21.83
N VAL A 42 48.63 -31.51 -20.66
CA VAL A 42 49.47 -31.40 -19.46
C VAL A 42 50.52 -32.51 -19.42
N GLU A 43 50.28 -33.63 -20.08
CA GLU A 43 51.28 -34.69 -20.14
C GLU A 43 52.41 -34.31 -21.10
N GLN A 44 52.09 -33.53 -22.13
CA GLN A 44 53.08 -33.07 -23.10
C GLN A 44 53.74 -31.77 -22.68
N GLY A 45 53.42 -31.24 -21.50
CA GLY A 45 54.01 -30.02 -21.00
C GLY A 45 53.28 -28.75 -21.40
N TYR A 46 52.37 -28.82 -22.36
CA TYR A 46 51.69 -27.64 -22.88
C TYR A 46 50.49 -27.22 -22.03
N GLU A 47 50.61 -27.29 -20.70
CA GLU A 47 49.50 -26.88 -19.85
C GLU A 47 49.11 -25.44 -20.14
N ASP A 48 50.09 -24.53 -20.18
CA ASP A 48 49.79 -23.12 -20.38
C ASP A 48 49.19 -22.86 -21.77
N ALA A 49 49.51 -23.70 -22.75
CA ALA A 49 48.93 -23.53 -24.07
C ALA A 49 47.42 -23.74 -24.05
N PHE A 50 46.95 -24.71 -23.28
CA PHE A 50 45.52 -24.93 -23.15
C PHE A 50 44.84 -23.75 -22.47
N ASN A 51 45.38 -23.33 -21.32
CA ASN A 51 44.80 -22.20 -20.60
C ASN A 51 44.75 -20.95 -21.47
N PHE A 52 45.76 -20.77 -22.33
CA PHE A 52 45.81 -19.57 -23.16
C PHE A 52 44.67 -19.55 -24.16
N TRP A 53 44.60 -20.56 -25.03
CA TRP A 53 43.60 -20.58 -26.07
C TRP A 53 42.19 -20.53 -25.48
N PHE A 54 41.90 -21.43 -24.55
CA PHE A 54 40.59 -21.47 -23.91
C PHE A 54 40.09 -20.06 -23.58
N ASP A 55 40.97 -19.24 -23.00
CA ASP A 55 40.57 -17.88 -22.62
C ASP A 55 40.21 -17.05 -23.85
N LYS A 56 41.01 -17.15 -24.91
CA LYS A 56 40.74 -16.35 -26.10
C LYS A 56 39.35 -16.63 -26.66
N LEU A 57 38.87 -17.86 -26.54
CA LEU A 57 37.58 -18.21 -27.12
C LEU A 57 36.42 -17.76 -26.25
N VAL A 58 36.61 -17.75 -24.93
CA VAL A 58 35.60 -17.16 -24.06
C VAL A 58 35.56 -15.65 -24.23
N THR A 59 36.65 -15.06 -24.73
CA THR A 59 36.65 -13.64 -25.07
C THR A 59 35.84 -13.35 -26.32
N LYS A 60 35.65 -14.34 -27.19
CA LYS A 60 34.87 -14.14 -28.40
C LYS A 60 33.40 -13.93 -28.10
N ILE A 61 32.90 -14.50 -27.00
CA ILE A 61 31.47 -14.48 -26.70
C ILE A 61 31.05 -13.30 -25.83
N LEU A 62 32.01 -12.57 -25.24
CA LEU A 62 31.63 -11.54 -24.27
C LEU A 62 30.86 -10.40 -24.91
N PRO A 63 31.28 -9.84 -26.05
CA PRO A 63 30.55 -8.68 -26.60
C PRO A 63 29.11 -8.96 -26.96
N LEU A 64 28.67 -10.22 -26.92
CA LEU A 64 27.28 -10.53 -27.25
C LEU A 64 26.33 -9.92 -26.23
N LYS A 65 25.19 -9.44 -26.72
CA LYS A 65 24.20 -8.84 -25.83
C LYS A 65 23.73 -9.87 -24.80
N LYS A 66 22.93 -9.38 -23.86
CA LYS A 66 22.21 -10.26 -22.96
C LYS A 66 21.14 -11.03 -23.74
N ASN A 67 20.86 -12.25 -23.29
CA ASN A 67 19.89 -13.15 -23.88
C ASN A 67 20.29 -13.61 -25.28
N GLU A 68 21.44 -13.21 -25.78
CA GLU A 68 21.91 -13.72 -27.06
C GLU A 68 22.12 -15.22 -26.95
N ILE A 69 21.38 -15.99 -27.76
CA ILE A 69 21.29 -17.43 -27.57
C ILE A 69 22.66 -18.08 -27.53
N ILE A 70 23.62 -17.56 -28.29
CA ILE A 70 24.92 -18.21 -28.41
C ILE A 70 25.68 -18.14 -27.09
N GLY A 71 25.70 -16.96 -26.47
CA GLY A 71 26.40 -16.79 -25.22
C GLY A 71 26.03 -17.83 -24.19
N ASP A 72 24.74 -17.89 -23.85
CA ASP A 72 24.26 -18.82 -22.83
C ASP A 72 24.89 -20.20 -22.99
N ARG A 73 24.85 -20.75 -24.20
CA ARG A 73 25.36 -22.10 -24.42
C ARG A 73 26.84 -22.19 -24.01
N ILE A 74 27.65 -21.22 -24.45
CA ILE A 74 29.06 -21.25 -24.12
C ILE A 74 29.26 -21.07 -22.62
N VAL A 75 28.51 -20.14 -22.02
CA VAL A 75 28.63 -19.91 -20.58
C VAL A 75 28.31 -21.18 -19.81
N LYS A 76 27.18 -21.81 -20.14
CA LYS A 76 26.82 -23.06 -19.47
C LYS A 76 27.94 -24.09 -19.61
N LEU A 77 28.53 -24.20 -20.80
CA LEU A 77 29.62 -25.14 -21.02
C LEU A 77 30.81 -24.81 -20.12
N VAL A 78 31.26 -23.56 -20.15
CA VAL A 78 32.40 -23.18 -19.32
C VAL A 78 32.11 -23.46 -17.85
N ALA A 79 30.89 -23.15 -17.40
CA ALA A 79 30.53 -23.44 -16.03
C ALA A 79 30.57 -24.94 -15.76
N ALA A 80 29.97 -25.73 -16.64
CA ALA A 80 29.99 -27.18 -16.45
C ALA A 80 31.40 -27.74 -16.47
N PHE A 81 32.29 -27.14 -17.27
CA PHE A 81 33.68 -27.58 -17.31
C PHE A 81 34.36 -27.36 -15.96
N ILE A 82 34.25 -26.15 -15.42
CA ILE A 82 34.83 -25.86 -14.11
C ILE A 82 34.24 -26.80 -13.06
N ALA A 83 32.91 -26.91 -13.05
CA ALA A 83 32.24 -27.73 -12.04
C ALA A 83 32.70 -29.18 -12.14
N SER A 84 32.68 -29.75 -13.34
CA SER A 84 33.11 -31.13 -13.51
C SER A 84 34.52 -31.34 -12.98
N LEU A 85 35.41 -30.38 -13.23
CA LEU A 85 36.77 -30.49 -12.72
C LEU A 85 36.79 -30.44 -11.20
N GLU A 86 36.05 -29.50 -10.60
CA GLU A 86 35.94 -29.45 -9.16
C GLU A 86 35.43 -30.77 -8.60
N ARG A 87 34.37 -31.31 -9.22
CA ARG A 87 33.77 -32.54 -8.73
C ARG A 87 34.79 -33.67 -8.68
N GLU A 88 35.51 -33.91 -9.79
CA GLU A 88 36.59 -34.88 -9.76
C GLU A 88 37.48 -34.67 -8.54
N LEU A 89 37.66 -33.43 -8.12
CA LEU A 89 38.62 -33.11 -7.08
C LEU A 89 38.06 -33.29 -5.68
N ILE A 90 36.74 -33.20 -5.52
CA ILE A 90 36.14 -33.33 -4.19
C ILE A 90 36.07 -34.80 -3.78
N LEU A 91 35.39 -35.63 -4.57
CA LEU A 91 35.16 -37.01 -4.17
C LEU A 91 36.46 -37.72 -3.86
N ALA A 92 37.55 -37.33 -4.53
CA ALA A 92 38.87 -37.83 -4.13
C ALA A 92 39.16 -37.43 -2.69
N LYS A 93 39.18 -36.13 -2.41
CA LYS A 93 39.49 -35.65 -1.07
C LYS A 93 38.60 -36.27 -0.01
N LYS A 94 37.41 -36.75 -0.37
CA LYS A 94 36.53 -37.36 0.62
C LYS A 94 37.20 -38.58 1.25
N GLN A 95 37.99 -39.33 0.49
CA GLN A 95 38.70 -40.47 1.06
C GLN A 95 39.98 -40.79 0.28
N ASN A 96 39.89 -40.82 -1.05
CA ASN A 96 41.01 -41.26 -1.88
C ASN A 96 42.01 -40.12 -2.05
N TYR A 97 43.29 -40.44 -1.87
CA TYR A 97 44.35 -39.45 -2.04
C TYR A 97 45.69 -40.15 -2.27
N LYS A 98 46.69 -39.47 -2.80
CA LYS A 98 46.60 -38.15 -3.42
C LYS A 98 46.84 -38.35 -4.91
N LEU A 99 45.84 -38.02 -5.74
CA LEU A 99 45.95 -38.25 -7.17
C LEU A 99 47.29 -37.69 -7.65
N THR A 100 48.21 -38.60 -8.01
CA THR A 100 49.62 -38.27 -8.18
C THR A 100 49.90 -37.41 -9.40
N ASN A 101 48.90 -36.94 -10.13
CA ASN A 101 49.11 -36.14 -11.32
C ASN A 101 48.86 -34.66 -11.09
N ASP A 102 48.94 -34.19 -9.85
CA ASP A 102 48.96 -32.76 -9.55
C ASP A 102 47.70 -32.04 -10.05
N GLU A 103 46.56 -32.74 -10.11
CA GLU A 103 45.37 -32.13 -10.68
C GLU A 103 44.75 -31.08 -9.77
N GLU A 104 45.02 -31.15 -8.46
CA GLU A 104 44.56 -30.07 -7.59
C GLU A 104 45.29 -28.77 -7.91
N GLY A 105 46.59 -28.86 -8.20
CA GLY A 105 47.33 -27.67 -8.60
C GLY A 105 46.96 -27.20 -9.99
N ILE A 106 46.71 -28.14 -10.90
CA ILE A 106 46.32 -27.77 -12.26
C ILE A 106 45.02 -26.97 -12.23
N PHE A 107 44.08 -27.38 -11.38
CA PHE A 107 42.82 -26.66 -11.27
C PHE A 107 43.05 -25.29 -10.64
N SER A 108 43.71 -25.25 -9.48
CA SER A 108 44.02 -23.98 -8.84
C SER A 108 44.79 -23.07 -9.79
N ARG A 109 45.72 -23.64 -10.57
CA ARG A 109 46.45 -22.84 -11.54
C ARG A 109 45.58 -22.43 -12.71
N PHE A 110 44.56 -23.23 -13.06
CA PHE A 110 43.72 -22.90 -14.19
C PHE A 110 42.64 -21.90 -13.81
N VAL A 111 41.93 -22.14 -12.70
CA VAL A 111 40.83 -21.26 -12.34
C VAL A 111 41.36 -19.87 -11.99
N ASP A 112 42.47 -19.80 -11.26
CA ASP A 112 43.06 -18.50 -10.94
C ASP A 112 43.44 -17.75 -12.20
N GLN A 113 44.05 -18.45 -13.17
CA GLN A 113 44.44 -17.79 -14.41
C GLN A 113 43.24 -17.39 -15.26
N PHE A 114 42.16 -18.18 -15.22
CA PHE A 114 41.00 -17.86 -16.03
C PHE A 114 40.31 -16.59 -15.53
N ILE A 115 40.06 -16.51 -14.22
CA ILE A 115 39.35 -15.37 -13.66
C ILE A 115 40.09 -14.07 -14.02
N ARG A 116 41.39 -14.05 -13.79
CA ARG A 116 42.17 -12.84 -14.10
C ARG A 116 42.07 -12.44 -15.55
N HIS A 117 41.71 -13.36 -16.45
CA HIS A 117 41.54 -13.00 -17.85
C HIS A 117 40.21 -12.28 -18.08
N VAL A 118 39.12 -12.82 -17.53
CA VAL A 118 37.82 -12.19 -17.71
C VAL A 118 37.71 -10.90 -16.91
N LEU A 119 38.59 -10.68 -15.93
CA LEU A 119 38.59 -9.44 -15.17
C LEU A 119 39.23 -8.29 -15.93
N ARG A 120 39.70 -8.51 -17.15
CA ARG A 120 40.19 -7.42 -17.99
C ARG A 120 39.06 -6.71 -18.72
N GLY A 121 37.83 -7.19 -18.60
CA GLY A 121 36.69 -6.53 -19.20
C GLY A 121 35.63 -6.21 -18.17
N VAL A 122 36.06 -6.03 -16.92
CA VAL A 122 35.12 -5.74 -15.85
C VAL A 122 34.66 -4.29 -15.90
N GLU A 123 35.51 -3.38 -16.40
CA GLU A 123 35.17 -1.96 -16.51
C GLU A 123 35.22 -1.48 -17.95
N SER A 124 34.92 -2.38 -18.90
CA SER A 124 34.90 -1.99 -20.29
C SER A 124 33.75 -1.00 -20.55
N PRO A 125 33.89 -0.15 -21.56
CA PRO A 125 32.76 0.76 -21.88
C PRO A 125 31.52 0.03 -22.32
N ASP A 126 31.69 -1.05 -23.08
CA ASP A 126 30.55 -1.78 -23.62
C ASP A 126 29.75 -2.41 -22.49
N LYS A 127 28.44 -2.22 -22.52
CA LYS A 127 27.59 -2.78 -21.47
C LYS A 127 27.51 -4.29 -21.57
N ASN A 128 27.58 -4.84 -22.77
CA ASN A 128 27.47 -6.28 -22.94
C ASN A 128 28.72 -6.98 -22.41
N VAL A 129 29.90 -6.43 -22.67
CA VAL A 129 31.12 -7.01 -22.13
C VAL A 129 31.05 -7.05 -20.61
N ARG A 130 30.66 -5.95 -19.99
CA ARG A 130 30.57 -5.91 -18.53
C ARG A 130 29.57 -6.93 -18.02
N PHE A 131 28.45 -7.11 -18.72
CA PHE A 131 27.43 -8.05 -18.27
C PHE A 131 27.97 -9.47 -18.25
N ARG A 132 28.45 -9.95 -19.40
CA ARG A 132 28.82 -11.35 -19.50
C ARG A 132 30.08 -11.68 -18.72
N VAL A 133 30.94 -10.71 -18.45
CA VAL A 133 32.07 -10.96 -17.55
C VAL A 133 31.54 -11.30 -16.16
N LEU A 134 30.64 -10.46 -15.63
CA LEU A 134 30.00 -10.77 -14.36
C LEU A 134 29.19 -12.06 -14.44
N GLN A 135 28.65 -12.35 -15.62
CA GLN A 135 27.84 -13.56 -15.77
C GLN A 135 28.69 -14.82 -15.63
N LEU A 136 29.89 -14.82 -16.24
CA LEU A 136 30.76 -15.99 -16.13
C LEU A 136 31.15 -16.24 -14.67
N LEU A 137 31.36 -15.17 -13.91
CA LEU A 137 31.86 -15.32 -12.54
C LEU A 137 30.78 -15.93 -11.64
N ALA A 138 29.55 -15.45 -11.76
CA ALA A 138 28.49 -15.94 -10.88
C ALA A 138 28.33 -17.45 -10.99
N VAL A 139 28.36 -17.99 -12.21
CA VAL A 139 28.07 -19.40 -12.40
C VAL A 139 29.24 -20.27 -11.95
N ILE A 140 30.48 -19.81 -12.16
CA ILE A 140 31.65 -20.57 -11.74
C ILE A 140 32.04 -20.30 -10.30
N MET A 141 31.35 -19.38 -9.63
CA MET A 141 31.80 -18.93 -8.31
C MET A 141 31.77 -20.07 -7.31
N ASP A 142 30.69 -20.86 -7.30
CA ASP A 142 30.56 -21.93 -6.32
C ASP A 142 31.66 -22.97 -6.46
N ASN A 143 32.16 -23.18 -7.68
CA ASN A 143 33.07 -24.28 -7.98
C ASN A 143 34.52 -23.83 -8.10
N ILE A 144 34.87 -22.69 -7.50
CA ILE A 144 36.26 -22.25 -7.56
C ILE A 144 37.12 -23.04 -6.58
N GLY A 145 36.55 -23.49 -5.47
CA GLY A 145 37.34 -24.16 -4.46
C GLY A 145 38.20 -23.16 -3.72
N GLU A 146 39.49 -23.46 -3.62
CA GLU A 146 40.42 -22.58 -2.95
C GLU A 146 41.10 -21.65 -3.95
N ILE A 147 41.46 -20.46 -3.47
CA ILE A 147 42.12 -19.45 -4.29
C ILE A 147 43.17 -18.75 -3.45
N ASP A 148 44.18 -18.20 -4.12
CA ASP A 148 45.15 -17.37 -3.44
C ASP A 148 44.44 -16.17 -2.80
N GLU A 149 45.09 -15.60 -1.77
CA GLU A 149 44.49 -14.48 -1.06
C GLU A 149 44.37 -13.27 -1.96
N SER A 150 45.41 -12.98 -2.75
CA SER A 150 45.40 -11.78 -3.57
C SER A 150 44.20 -11.76 -4.52
N LEU A 151 43.96 -12.87 -5.22
CA LEU A 151 42.82 -12.93 -6.13
C LEU A 151 41.51 -12.73 -5.39
N PHE A 152 41.43 -13.18 -4.14
CA PHE A 152 40.23 -12.94 -3.35
C PHE A 152 40.00 -11.45 -3.14
N ASN A 153 41.06 -10.70 -2.86
CA ASN A 153 40.92 -9.26 -2.68
C ASN A 153 40.58 -8.57 -3.99
N LEU A 154 41.10 -9.08 -5.11
CA LEU A 154 40.81 -8.48 -6.40
C LEU A 154 39.37 -8.71 -6.86
N LEU A 155 38.72 -9.76 -6.37
CA LEU A 155 37.33 -10.01 -6.73
C LEU A 155 36.39 -9.13 -5.94
N ILE A 156 36.57 -9.06 -4.62
CA ILE A 156 35.72 -8.20 -3.81
C ILE A 156 35.95 -6.74 -4.16
N LEU A 157 37.18 -6.38 -4.53
CA LEU A 157 37.46 -5.01 -4.94
C LEU A 157 36.67 -4.65 -6.19
N SER A 158 36.73 -5.50 -7.21
CA SER A 158 36.02 -5.22 -8.45
C SER A 158 34.52 -5.26 -8.25
N LEU A 159 34.03 -6.11 -7.36
CA LEU A 159 32.59 -6.28 -7.19
C LEU A 159 31.99 -5.12 -6.40
N ASN A 160 32.63 -4.73 -5.30
CA ASN A 160 32.12 -3.62 -4.51
C ASN A 160 32.03 -2.33 -5.31
N LYS A 161 32.71 -2.26 -6.45
CA LYS A 161 32.54 -1.14 -7.37
C LYS A 161 31.42 -1.40 -8.37
N ARG A 162 31.34 -2.62 -8.89
CA ARG A 162 30.31 -2.95 -9.88
C ARG A 162 28.91 -2.99 -9.28
N ILE A 163 28.78 -2.99 -7.96
CA ILE A 163 27.45 -2.99 -7.36
C ILE A 163 26.74 -1.69 -7.67
N TYR A 164 27.50 -0.59 -7.81
CA TYR A 164 26.95 0.72 -8.13
C TYR A 164 27.07 1.04 -9.61
N ASP A 165 27.07 0.04 -10.47
CA ASP A 165 27.28 0.27 -11.89
C ASP A 165 26.03 0.94 -12.50
N ARG A 166 26.25 1.57 -13.66
CA ARG A 166 25.18 2.30 -14.32
C ARG A 166 24.03 1.37 -14.69
N GLU A 167 24.35 0.27 -15.35
CA GLU A 167 23.31 -0.63 -15.83
C GLU A 167 22.73 -1.44 -14.68
N PRO A 168 21.41 -1.62 -14.61
CA PRO A 168 20.87 -2.53 -13.59
C PRO A 168 21.28 -3.96 -13.81
N THR A 169 21.30 -4.42 -15.06
CA THR A 169 21.61 -5.81 -15.35
C THR A 169 22.93 -6.22 -14.70
N VAL A 170 23.99 -5.46 -14.96
CA VAL A 170 25.30 -5.81 -14.41
C VAL A 170 25.28 -5.74 -12.89
N ARG A 171 24.41 -4.88 -12.33
CA ARG A 171 24.29 -4.81 -10.88
C ARG A 171 23.65 -6.07 -10.32
N ILE A 172 22.75 -6.70 -11.07
CA ILE A 172 22.17 -7.97 -10.63
C ILE A 172 23.24 -9.04 -10.59
N GLN A 173 24.00 -9.18 -11.68
CA GLN A 173 25.08 -10.16 -11.70
C GLN A 173 26.09 -9.88 -10.61
N ALA A 174 26.20 -8.64 -10.15
CA ALA A 174 27.15 -8.30 -9.11
C ALA A 174 26.78 -8.97 -7.79
N VAL A 175 25.51 -8.86 -7.38
CA VAL A 175 25.11 -9.46 -6.11
C VAL A 175 25.22 -10.98 -6.20
N PHE A 176 24.78 -11.58 -7.31
CA PHE A 176 24.94 -13.02 -7.49
C PHE A 176 26.37 -13.44 -7.19
N CYS A 177 27.35 -12.64 -7.60
CA CYS A 177 28.73 -12.94 -7.30
C CYS A 177 29.09 -12.65 -5.85
N LEU A 178 28.35 -11.74 -5.21
CA LEU A 178 28.61 -11.42 -3.81
C LEU A 178 27.93 -12.37 -2.85
N THR A 179 26.79 -12.94 -3.25
CA THR A 179 26.07 -13.84 -2.36
C THR A 179 26.93 -15.03 -1.95
N LYS A 180 27.86 -15.43 -2.81
CA LYS A 180 28.73 -16.57 -2.51
C LYS A 180 29.83 -16.22 -1.51
N PHE A 181 29.86 -14.99 -1.01
CA PHE A 181 30.87 -14.54 -0.06
C PHE A 181 30.28 -14.21 1.30
N GLN A 182 29.01 -14.53 1.53
CA GLN A 182 28.31 -13.98 2.68
C GLN A 182 28.86 -14.53 4.00
N ASP A 183 29.09 -15.84 4.07
CA ASP A 183 29.63 -16.43 5.29
C ASP A 183 31.07 -15.96 5.51
N GLU A 201 31.55 -8.97 4.96
CA GLU A 201 31.39 -7.66 4.36
C GLU A 201 30.36 -7.69 3.24
N ALA A 202 30.29 -8.84 2.55
CA ALA A 202 29.35 -8.96 1.44
C ALA A 202 27.92 -8.73 1.91
N THR A 203 27.57 -9.24 3.10
CA THR A 203 26.24 -9.03 3.63
C THR A 203 25.92 -7.55 3.72
N ARG A 204 26.84 -6.76 4.27
CA ARG A 204 26.62 -5.32 4.40
C ARG A 204 26.21 -4.70 3.07
N THR A 205 26.95 -5.01 2.00
CA THR A 205 26.67 -4.40 0.71
C THR A 205 25.28 -4.79 0.21
N LEU A 206 24.89 -6.05 0.40
CA LEU A 206 23.59 -6.50 -0.09
C LEU A 206 22.45 -5.86 0.70
N VAL A 207 22.65 -5.67 2.00
CA VAL A 207 21.66 -4.96 2.79
C VAL A 207 21.52 -3.52 2.30
N ALA A 208 22.60 -2.95 1.80
CA ALA A 208 22.53 -1.59 1.26
C ALA A 208 21.85 -1.55 -0.10
N SER A 209 22.00 -2.62 -0.90
CA SER A 209 21.42 -2.62 -2.23
C SER A 209 19.94 -2.96 -2.22
N ILE A 210 19.48 -3.76 -1.25
CA ILE A 210 18.07 -4.09 -1.17
C ILE A 210 17.24 -2.88 -0.78
N GLN A 211 17.87 -1.83 -0.26
CA GLN A 211 17.17 -0.64 0.20
C GLN A 211 17.37 0.57 -0.70
N ASN A 212 18.57 0.76 -1.23
CA ASN A 212 18.93 1.98 -1.93
C ASN A 212 19.06 1.81 -3.44
N ASP A 213 18.75 0.65 -3.97
CA ASP A 213 18.91 0.46 -5.40
C ASP A 213 17.64 0.84 -6.14
N PRO A 214 17.72 1.62 -7.22
CA PRO A 214 16.48 2.01 -7.91
C PRO A 214 15.83 0.88 -8.66
N SER A 215 16.62 -0.02 -9.24
CA SER A 215 16.05 -1.13 -10.01
C SER A 215 15.46 -2.16 -9.06
N ALA A 216 14.16 -2.42 -9.20
CA ALA A 216 13.51 -3.39 -8.34
C ALA A 216 14.12 -4.78 -8.49
N GLU A 217 14.59 -5.12 -9.69
CA GLU A 217 15.14 -6.45 -9.92
C GLU A 217 16.48 -6.66 -9.21
N VAL A 218 17.19 -5.58 -8.86
CA VAL A 218 18.38 -5.72 -8.03
C VAL A 218 17.99 -5.90 -6.57
N ARG A 219 16.99 -5.14 -6.12
CA ARG A 219 16.46 -5.34 -4.78
C ARG A 219 15.99 -6.78 -4.59
N ARG A 220 15.23 -7.28 -5.56
CA ARG A 220 14.76 -8.66 -5.51
C ARG A 220 15.94 -9.62 -5.40
N ALA A 221 16.90 -9.53 -6.33
CA ALA A 221 18.06 -10.40 -6.30
C ALA A 221 18.76 -10.35 -4.95
N ALA A 222 18.93 -9.15 -4.40
CA ALA A 222 19.53 -9.03 -3.08
C ALA A 222 18.61 -9.58 -2.00
N MET A 223 17.31 -9.61 -2.25
CA MET A 223 16.36 -10.10 -1.25
C MET A 223 16.39 -11.63 -1.20
N LEU A 224 16.20 -12.29 -2.34
CA LEU A 224 16.06 -13.74 -2.34
C LEU A 224 17.35 -14.44 -1.94
N ASN A 225 18.48 -13.99 -2.47
CA ASN A 225 19.75 -14.66 -2.24
C ASN A 225 20.46 -14.17 -0.99
N LEU A 226 19.79 -13.42 -0.12
CA LEU A 226 20.44 -12.94 1.09
C LEU A 226 20.58 -14.08 2.10
N ILE A 227 21.37 -13.83 3.15
CA ILE A 227 21.75 -14.89 4.07
C ILE A 227 20.56 -15.33 4.91
N ASN A 228 19.75 -14.37 5.38
CA ASN A 228 18.59 -14.66 6.22
C ASN A 228 19.00 -15.33 7.53
N ASP A 229 19.91 -14.68 8.25
CA ASP A 229 20.20 -15.06 9.62
C ASP A 229 19.38 -14.18 10.55
N ASN A 230 19.78 -14.07 11.81
CA ASN A 230 19.02 -13.28 12.76
C ASN A 230 19.17 -11.78 12.49
N ASN A 231 20.36 -11.36 12.06
CA ASN A 231 20.63 -9.94 11.91
C ASN A 231 20.07 -9.37 10.62
N THR A 232 20.10 -10.15 9.54
CA THR A 232 19.65 -9.66 8.24
C THR A 232 18.17 -9.87 8.01
N ARG A 233 17.50 -10.69 8.82
CA ARG A 233 16.11 -11.02 8.55
C ARG A 233 15.22 -9.78 8.48
N PRO A 234 15.38 -8.75 9.31
CA PRO A 234 14.45 -7.61 9.22
C PRO A 234 14.47 -6.92 7.88
N TYR A 235 15.65 -6.69 7.30
CA TYR A 235 15.71 -6.04 6.00
C TYR A 235 15.02 -6.87 4.93
N ILE A 236 15.06 -8.20 5.05
CA ILE A 236 14.43 -9.05 4.07
C ILE A 236 12.90 -8.92 4.17
N LEU A 237 12.37 -9.09 5.38
CA LEU A 237 10.94 -8.92 5.60
C LEU A 237 10.47 -7.50 5.34
N GLU A 238 11.40 -6.54 5.23
CA GLU A 238 11.01 -5.16 4.94
C GLU A 238 10.33 -5.07 3.58
N ARG A 239 10.79 -5.86 2.62
CA ARG A 239 10.26 -5.78 1.25
C ARG A 239 8.79 -6.14 1.16
N ALA A 240 8.16 -6.56 2.26
CA ALA A 240 6.73 -6.82 2.22
C ALA A 240 5.93 -5.59 1.81
N ARG A 241 6.53 -4.41 1.87
CA ARG A 241 5.91 -3.17 1.40
C ARG A 241 6.77 -2.52 0.33
N ASP A 242 7.41 -3.33 -0.49
CA ASP A 242 8.20 -2.80 -1.60
C ASP A 242 7.28 -2.30 -2.71
N VAL A 243 7.60 -1.13 -3.25
CA VAL A 243 6.73 -0.51 -4.25
C VAL A 243 6.53 -1.41 -5.46
N ASN A 244 7.38 -2.41 -5.64
CA ASN A 244 7.22 -3.35 -6.73
C ASN A 244 6.29 -4.47 -6.30
N ILE A 245 5.32 -4.79 -7.16
CA ILE A 245 4.32 -5.81 -6.82
C ILE A 245 4.99 -7.17 -6.67
N VAL A 246 5.88 -7.51 -7.61
CA VAL A 246 6.52 -8.81 -7.59
C VAL A 246 7.34 -8.98 -6.32
N ASN A 247 8.08 -7.95 -5.93
CA ASN A 247 8.93 -8.05 -4.74
C ASN A 247 8.11 -8.21 -3.47
N ARG A 248 6.85 -7.78 -3.47
CA ARG A 248 5.96 -7.98 -2.33
C ARG A 248 5.27 -9.32 -2.34
N ARG A 249 5.20 -9.98 -3.50
CA ARG A 249 4.57 -11.29 -3.60
C ARG A 249 5.54 -12.40 -3.22
N LEU A 250 6.80 -12.30 -3.64
CA LEU A 250 7.75 -13.38 -3.42
C LEU A 250 8.19 -13.48 -1.97
N VAL A 251 8.12 -12.37 -1.22
CA VAL A 251 8.45 -12.43 0.20
C VAL A 251 7.51 -13.40 0.91
N TYR A 252 6.23 -13.35 0.57
CA TYR A 252 5.28 -14.30 1.14
C TYR A 252 5.47 -15.68 0.54
N SER A 253 5.47 -15.78 -0.79
CA SER A 253 5.62 -17.05 -1.48
C SER A 253 6.97 -17.69 -1.18
N ARG A 254 8.05 -17.09 -1.67
CA ARG A 254 9.35 -17.75 -1.64
C ARG A 254 9.92 -17.78 -0.22
N ILE A 255 10.00 -16.62 0.43
CA ILE A 255 10.78 -16.51 1.65
C ILE A 255 10.06 -17.17 2.81
N LEU A 256 8.77 -16.91 2.97
CA LEU A 256 8.05 -17.47 4.10
C LEU A 256 7.70 -18.94 3.90
N LYS A 257 7.76 -19.45 2.67
CA LYS A 257 7.72 -20.90 2.47
C LYS A 257 9.07 -21.54 2.79
N SER A 258 10.16 -20.83 2.51
CA SER A 258 11.48 -21.36 2.82
C SER A 258 11.68 -21.46 4.33
N MET A 259 11.04 -20.60 5.10
CA MET A 259 11.19 -20.62 6.55
C MET A 259 10.28 -21.66 7.21
N GLY A 260 9.13 -21.95 6.60
CA GLY A 260 8.22 -22.94 7.14
C GLY A 260 7.66 -22.54 8.48
N ARG A 261 8.05 -23.26 9.53
CA ARG A 261 7.65 -22.92 10.89
C ARG A 261 8.65 -22.00 11.58
N LYS A 262 9.80 -21.75 10.96
CA LYS A 262 10.79 -20.85 11.53
C LYS A 262 10.25 -19.45 11.74
N CYS A 263 9.09 -19.12 11.16
CA CYS A 263 8.48 -17.81 11.38
C CYS A 263 8.00 -17.68 12.82
N PHE A 264 7.28 -18.68 13.31
CA PHE A 264 6.72 -18.60 14.65
C PHE A 264 7.80 -18.67 15.73
N ASP A 265 8.99 -19.17 15.38
CA ASP A 265 10.06 -19.35 16.34
C ASP A 265 11.09 -18.23 16.31
N ASP A 266 11.48 -17.78 15.12
CA ASP A 266 12.55 -16.80 14.99
C ASP A 266 12.06 -15.38 14.74
N ILE A 267 10.87 -15.22 14.16
CA ILE A 267 10.33 -13.88 13.87
C ILE A 267 9.53 -13.42 15.08
N GLU A 268 9.69 -12.15 15.43
CA GLU A 268 8.99 -11.61 16.58
C GLU A 268 7.51 -11.41 16.24
N PRO A 269 6.62 -11.56 17.22
CA PRO A 269 5.18 -11.43 16.92
C PRO A 269 4.79 -10.06 16.38
N HIS A 270 5.30 -8.99 16.99
CA HIS A 270 4.88 -7.65 16.57
C HIS A 270 5.22 -7.39 15.11
N ILE A 271 6.37 -7.89 14.65
CA ILE A 271 6.67 -7.85 13.22
C ILE A 271 5.83 -8.88 12.48
N PHE A 272 5.61 -10.04 13.10
CA PHE A 272 4.83 -11.09 12.46
C PHE A 272 3.40 -10.64 12.22
N ASP A 273 2.75 -10.10 13.25
CA ASP A 273 1.37 -9.64 13.10
C ASP A 273 1.25 -8.57 12.04
N GLN A 274 2.32 -7.81 11.80
CA GLN A 274 2.28 -6.77 10.79
C GLN A 274 2.36 -7.34 9.38
N LEU A 275 3.23 -8.32 9.17
CA LEU A 275 3.38 -8.93 7.86
C LEU A 275 2.03 -9.44 7.34
N ILE A 276 1.43 -10.37 8.08
CA ILE A 276 0.13 -10.93 7.68
C ILE A 276 -0.88 -9.82 7.45
N GLU A 277 -0.79 -8.74 8.24
CA GLU A 277 -1.74 -7.63 8.06
C GLU A 277 -1.59 -7.00 6.69
N TRP A 278 -0.35 -6.72 6.27
CA TRP A 278 -0.12 -6.10 4.98
C TRP A 278 -0.57 -7.00 3.84
N GLY A 279 -0.32 -8.31 3.96
CA GLY A 279 -0.60 -9.21 2.85
C GLY A 279 -2.07 -9.40 2.61
N LEU A 280 -2.87 -9.47 3.67
CA LEU A 280 -4.29 -9.78 3.51
C LEU A 280 -5.08 -8.62 2.91
N GLU A 281 -4.59 -7.40 3.02
CA GLU A 281 -5.33 -6.22 2.56
C GLU A 281 -4.49 -5.36 1.62
N ASP A 282 -3.55 -5.98 0.92
CA ASP A 282 -2.78 -5.26 -0.08
C ASP A 282 -3.68 -4.93 -1.27
N ARG A 283 -3.37 -3.81 -1.94
CA ARG A 283 -4.22 -3.33 -3.01
C ARG A 283 -4.22 -4.23 -4.23
N GLU A 284 -3.20 -5.07 -4.39
CA GLU A 284 -3.09 -5.93 -5.55
C GLU A 284 -3.67 -7.31 -5.28
N LEU A 285 -4.40 -7.84 -6.26
CA LEU A 285 -4.97 -9.16 -6.11
C LEU A 285 -3.88 -10.22 -5.99
N SER A 286 -2.74 -10.01 -6.64
CA SER A 286 -1.70 -11.03 -6.68
C SER A 286 -1.05 -11.21 -5.31
N VAL A 287 -0.80 -10.11 -4.60
CA VAL A 287 -0.10 -10.23 -3.32
C VAL A 287 -0.98 -10.91 -2.29
N ARG A 288 -2.28 -10.64 -2.32
CA ARG A 288 -3.18 -11.24 -1.35
C ARG A 288 -3.19 -12.76 -1.49
N ASN A 289 -3.36 -13.26 -2.71
CA ASN A 289 -3.37 -14.71 -2.92
C ASN A 289 -2.08 -15.34 -2.43
N ALA A 290 -0.95 -14.64 -2.59
CA ALA A 290 0.32 -15.17 -2.10
C ALA A 290 0.31 -15.32 -0.59
N CYS A 291 -0.38 -14.43 0.11
CA CYS A 291 -0.46 -14.52 1.56
C CYS A 291 -1.57 -15.45 2.02
N LYS A 292 -2.75 -15.36 1.40
CA LYS A 292 -3.84 -16.27 1.75
C LYS A 292 -3.40 -17.71 1.59
N ARG A 293 -2.93 -18.08 0.39
CA ARG A 293 -2.48 -19.45 0.15
C ARG A 293 -1.39 -19.85 1.14
N LEU A 294 -0.47 -18.95 1.43
CA LEU A 294 0.60 -19.26 2.38
C LEU A 294 0.02 -19.70 3.72
N ILE A 295 -0.95 -18.94 4.24
CA ILE A 295 -1.52 -19.26 5.55
C ILE A 295 -2.32 -20.56 5.47
N ALA A 296 -3.29 -20.60 4.56
CA ALA A 296 -4.18 -21.75 4.46
C ALA A 296 -3.43 -23.01 4.07
N HIS A 297 -2.87 -23.03 2.85
CA HIS A 297 -2.25 -24.25 2.34
C HIS A 297 -1.00 -24.61 3.13
N ASP A 298 0.01 -23.75 3.09
CA ASP A 298 1.34 -24.14 3.56
C ASP A 298 1.39 -24.26 5.08
N TRP A 299 0.99 -23.20 5.79
CA TRP A 299 1.13 -23.21 7.24
C TRP A 299 0.24 -24.27 7.88
N LEU A 300 -0.99 -24.43 7.38
CA LEU A 300 -1.87 -25.46 7.92
C LEU A 300 -1.24 -26.84 7.74
N ASN A 301 -0.83 -27.16 6.52
CA ASN A 301 -0.13 -28.42 6.28
C ASN A 301 1.15 -28.51 7.11
N ALA A 302 1.84 -27.38 7.28
CA ALA A 302 3.04 -27.37 8.11
C ALA A 302 2.69 -27.59 9.58
N LEU A 303 1.50 -27.19 10.00
CA LEU A 303 1.05 -27.38 11.38
C LEU A 303 0.15 -28.58 11.55
N ASP A 304 0.11 -29.48 10.57
CA ASP A 304 -0.58 -30.76 10.67
C ASP A 304 -2.10 -30.61 10.73
N GLY A 305 -2.64 -29.51 10.21
CA GLY A 305 -4.08 -29.32 10.20
C GLY A 305 -4.67 -28.82 11.48
N ASP A 306 -3.85 -28.47 12.47
CA ASP A 306 -4.35 -28.00 13.76
C ASP A 306 -4.82 -26.56 13.60
N LEU A 307 -6.14 -26.38 13.47
CA LEU A 307 -6.68 -25.03 13.34
C LEU A 307 -6.52 -24.25 14.64
N ILE A 308 -6.53 -24.93 15.78
CA ILE A 308 -6.38 -24.24 17.06
C ILE A 308 -4.93 -23.75 17.23
N GLU A 309 -3.97 -24.63 16.96
CA GLU A 309 -2.58 -24.23 17.09
C GLU A 309 -2.22 -23.11 16.12
N LEU A 310 -2.83 -23.11 14.93
CA LEU A 310 -2.59 -22.02 13.99
C LEU A 310 -3.06 -20.70 14.56
N LEU A 311 -4.14 -20.70 15.34
CA LEU A 311 -4.61 -19.46 15.95
C LEU A 311 -3.75 -19.02 17.13
N GLU A 312 -2.95 -19.91 17.70
CA GLU A 312 -2.00 -19.50 18.73
C GLU A 312 -0.80 -18.80 18.10
N LYS A 313 -0.47 -19.15 16.86
CA LYS A 313 0.57 -18.44 16.13
C LYS A 313 0.08 -17.03 15.82
N LEU A 314 -0.92 -16.92 14.95
CA LEU A 314 -1.58 -15.64 14.69
C LEU A 314 -2.28 -15.18 15.97
N ASP A 315 -1.53 -14.51 16.85
CA ASP A 315 -2.10 -14.04 18.11
C ASP A 315 -3.45 -13.38 17.86
N VAL A 316 -4.44 -13.76 18.67
CA VAL A 316 -5.82 -13.34 18.40
C VAL A 316 -6.21 -12.29 19.43
N SER A 317 -5.58 -12.32 20.60
CA SER A 317 -5.93 -11.35 21.64
C SER A 317 -5.43 -9.96 21.29
N ARG A 318 -4.34 -9.86 20.52
CA ARG A 318 -3.71 -8.58 20.23
C ARG A 318 -3.65 -8.28 18.74
N SER A 319 -4.37 -9.01 17.91
CA SER A 319 -4.37 -8.80 16.47
C SER A 319 -5.72 -8.28 16.01
N SER A 320 -5.78 -7.86 14.75
CA SER A 320 -6.97 -7.24 14.20
C SER A 320 -7.40 -7.82 12.86
N VAL A 321 -6.59 -8.65 12.22
CA VAL A 321 -6.90 -9.20 10.90
C VAL A 321 -7.22 -10.68 10.95
N CYS A 322 -7.25 -11.30 12.14
CA CYS A 322 -7.64 -12.70 12.21
C CYS A 322 -8.98 -12.94 11.55
N VAL A 323 -9.86 -11.94 11.57
CA VAL A 323 -11.14 -12.08 10.88
C VAL A 323 -10.90 -12.26 9.39
N LYS A 324 -9.92 -11.55 8.85
CA LYS A 324 -9.64 -11.65 7.42
C LYS A 324 -8.98 -12.97 7.08
N ALA A 325 -8.11 -13.47 7.97
CA ALA A 325 -7.39 -14.71 7.68
C ALA A 325 -8.32 -15.91 7.76
N ILE A 326 -9.22 -15.93 8.74
CA ILE A 326 -10.08 -17.10 8.93
C ILE A 326 -11.06 -17.23 7.78
N GLU A 327 -11.54 -16.10 7.23
CA GLU A 327 -12.40 -16.17 6.05
C GLU A 327 -11.67 -16.88 4.91
N ALA A 328 -10.53 -16.33 4.48
CA ALA A 328 -9.78 -16.92 3.38
C ALA A 328 -9.54 -18.40 3.60
N LEU A 329 -9.32 -18.81 4.86
CA LEU A 329 -9.11 -20.22 5.15
C LEU A 329 -10.35 -21.03 4.82
N PHE A 330 -11.52 -20.60 5.33
CA PHE A 330 -12.76 -21.28 5.01
C PHE A 330 -13.00 -21.34 3.50
N GLN A 331 -12.59 -20.30 2.78
CA GLN A 331 -12.75 -20.31 1.33
C GLN A 331 -11.81 -21.33 0.70
N SER A 332 -10.61 -21.48 1.24
CA SER A 332 -9.63 -22.40 0.67
C SER A 332 -9.95 -23.85 1.01
N ARG A 333 -10.49 -24.09 2.21
CA ARG A 333 -10.77 -25.45 2.68
C ARG A 333 -12.20 -25.52 3.19
N PRO A 334 -13.18 -25.63 2.28
CA PRO A 334 -14.56 -25.84 2.71
C PRO A 334 -14.82 -27.25 3.22
N ASP A 335 -13.88 -28.18 3.03
CA ASP A 335 -14.08 -29.55 3.48
C ASP A 335 -13.91 -29.68 5.00
N ILE A 336 -12.80 -29.15 5.53
CA ILE A 336 -12.61 -29.14 6.97
C ILE A 336 -13.71 -28.35 7.66
N LEU A 337 -14.39 -27.48 6.91
CA LEU A 337 -15.43 -26.64 7.49
C LEU A 337 -16.46 -27.48 8.22
N SER A 338 -16.94 -28.56 7.59
CA SER A 338 -18.00 -29.36 8.18
C SER A 338 -17.54 -30.16 9.38
N LYS A 339 -16.24 -30.48 9.47
CA LYS A 339 -15.76 -31.33 10.55
C LYS A 339 -15.50 -30.57 11.85
N ILE A 340 -15.62 -29.25 11.86
CA ILE A 340 -15.51 -28.52 13.11
C ILE A 340 -16.62 -28.99 14.02
N LYS A 341 -16.27 -29.44 15.22
CA LYS A 341 -17.23 -29.78 16.25
C LYS A 341 -16.97 -28.87 17.44
N PHE A 342 -18.02 -28.24 17.92
CA PHE A 342 -17.96 -27.56 19.21
C PHE A 342 -18.47 -28.55 20.24
N PRO A 343 -17.62 -29.44 20.75
CA PRO A 343 -18.12 -30.61 21.47
C PRO A 343 -19.07 -30.20 22.59
N GLU A 344 -20.04 -31.07 22.86
CA GLU A 344 -21.23 -30.67 23.57
C GLU A 344 -20.93 -30.38 25.04
N SER A 345 -21.29 -29.18 25.49
CA SER A 345 -21.26 -28.80 26.90
C SER A 345 -19.95 -29.22 27.57
N ILE A 346 -18.84 -28.88 26.93
CA ILE A 346 -17.53 -29.07 27.51
C ILE A 346 -16.79 -27.74 27.45
N TRP A 347 -17.55 -26.65 27.56
CA TRP A 347 -17.00 -25.31 27.45
C TRP A 347 -16.21 -24.89 28.68
N LYS A 348 -15.96 -25.82 29.60
CA LYS A 348 -15.13 -25.52 30.77
C LYS A 348 -13.82 -24.84 30.37
N ASP A 349 -13.18 -25.31 29.30
CA ASP A 349 -11.89 -24.82 28.85
C ASP A 349 -12.10 -24.19 27.48
N PHE A 350 -12.17 -22.86 27.46
CA PHE A 350 -12.54 -22.12 26.26
C PHE A 350 -11.43 -21.09 26.02
N THR A 351 -10.48 -21.44 25.15
CA THR A 351 -9.33 -20.59 24.91
C THR A 351 -9.67 -19.46 23.95
N VAL A 352 -8.89 -18.38 24.05
CA VAL A 352 -9.07 -17.24 23.15
C VAL A 352 -9.12 -17.70 21.70
N GLU A 353 -8.44 -18.80 21.39
CA GLU A 353 -8.53 -19.37 20.05
C GLU A 353 -9.90 -19.96 19.80
N ILE A 354 -10.39 -20.76 20.74
CA ILE A 354 -11.71 -21.39 20.56
C ILE A 354 -12.80 -20.32 20.57
N ALA A 355 -12.80 -19.47 21.60
CA ALA A 355 -13.82 -18.42 21.68
C ALA A 355 -13.86 -17.62 20.39
N PHE A 356 -12.71 -17.25 19.85
CA PHE A 356 -12.66 -16.59 18.56
C PHE A 356 -13.16 -17.51 17.46
N LEU A 357 -12.70 -18.76 17.46
CA LEU A 357 -13.19 -19.73 16.49
C LEU A 357 -14.71 -19.72 16.46
N PHE A 358 -15.34 -19.71 17.64
CA PHE A 358 -16.80 -19.71 17.72
C PHE A 358 -17.37 -18.52 16.96
N ARG A 359 -16.94 -17.31 17.30
CA ARG A 359 -17.43 -16.13 16.61
C ARG A 359 -17.17 -16.23 15.12
N ALA A 360 -15.98 -16.69 14.73
CA ALA A 360 -15.62 -16.73 13.32
C ALA A 360 -16.51 -17.69 12.55
N ILE A 361 -16.70 -18.90 13.06
CA ILE A 361 -17.47 -19.89 12.33
C ILE A 361 -18.94 -19.48 12.27
N TYR A 362 -19.49 -18.99 13.38
CA TYR A 362 -20.92 -18.70 13.43
C TYR A 362 -21.28 -17.58 12.46
N LEU A 363 -20.58 -16.45 12.54
CA LEU A 363 -20.86 -15.36 11.63
C LEU A 363 -20.60 -15.75 10.17
N TYR A 364 -19.72 -16.72 9.95
CA TYR A 364 -19.44 -17.16 8.58
C TYR A 364 -20.66 -17.85 7.98
N CYS A 365 -21.24 -18.80 8.72
CA CYS A 365 -22.38 -19.53 8.19
C CYS A 365 -23.56 -18.60 7.92
N LEU A 366 -23.73 -17.58 8.76
CA LEU A 366 -24.82 -16.63 8.55
C LEU A 366 -24.62 -15.83 7.28
N ASP A 367 -23.38 -15.43 7.00
CA ASP A 367 -23.13 -14.58 5.84
C ASP A 367 -23.39 -15.33 4.54
N ASN A 368 -23.01 -16.60 4.46
CA ASN A 368 -23.15 -17.40 3.25
C ASN A 368 -24.27 -18.43 3.35
N ASN A 369 -25.06 -18.41 4.43
CA ASN A 369 -26.23 -19.27 4.55
C ASN A 369 -25.85 -20.75 4.48
N ILE A 370 -24.83 -21.13 5.23
CA ILE A 370 -24.53 -22.54 5.43
C ILE A 370 -25.68 -23.10 6.27
N THR A 371 -26.74 -23.54 5.60
CA THR A 371 -27.99 -23.85 6.29
C THR A 371 -27.81 -25.01 7.26
N GLU A 372 -27.09 -26.06 6.84
CA GLU A 372 -27.00 -27.27 7.64
C GLU A 372 -26.45 -26.97 9.04
N MET A 373 -25.35 -26.22 9.11
CA MET A 373 -24.68 -26.00 10.38
C MET A 373 -25.58 -25.29 11.38
N LEU A 374 -26.33 -24.30 10.92
CA LEU A 374 -27.11 -23.44 11.81
C LEU A 374 -28.17 -24.20 12.57
N GLU A 375 -28.35 -25.49 12.26
CA GLU A 375 -29.38 -26.29 12.90
C GLU A 375 -28.89 -26.97 14.17
N GLU A 376 -27.86 -27.80 14.07
CA GLU A 376 -27.39 -28.57 15.21
C GLU A 376 -25.97 -28.23 15.66
N ASN A 377 -25.14 -27.64 14.80
CA ASN A 377 -23.75 -27.42 15.16
C ASN A 377 -23.56 -26.29 16.16
N PHE A 378 -24.62 -25.58 16.56
CA PHE A 378 -24.49 -24.45 17.47
C PHE A 378 -25.50 -24.57 18.60
N PRO A 379 -25.12 -24.16 19.81
CA PRO A 379 -26.05 -24.29 20.94
C PRO A 379 -27.28 -23.41 20.75
N GLU A 380 -28.28 -23.64 21.60
CA GLU A 380 -29.49 -22.86 21.56
C GLU A 380 -29.23 -21.47 22.15
N ALA A 381 -30.19 -20.57 21.93
CA ALA A 381 -30.07 -19.22 22.46
C ALA A 381 -29.93 -19.24 23.97
N SER A 382 -30.83 -19.94 24.65
CA SER A 382 -30.77 -20.01 26.10
C SER A 382 -29.54 -20.76 26.59
N LYS A 383 -29.05 -21.74 25.82
CA LYS A 383 -27.92 -22.52 26.28
C LYS A 383 -26.62 -21.74 26.17
N LEU A 384 -26.55 -20.79 25.23
CA LEU A 384 -25.38 -19.92 25.16
C LEU A 384 -25.37 -18.92 26.32
N SER A 385 -26.55 -18.42 26.70
CA SER A 385 -26.63 -17.50 27.82
C SER A 385 -26.04 -18.11 29.08
N GLU A 386 -26.10 -19.43 29.21
CA GLU A 386 -25.46 -20.10 30.34
C GLU A 386 -23.95 -19.91 30.29
N HIS A 387 -23.35 -20.14 29.12
CA HIS A 387 -21.90 -20.04 29.01
C HIS A 387 -21.45 -18.58 29.01
N LEU A 388 -22.20 -17.71 28.33
CA LEU A 388 -21.85 -16.29 28.32
C LEU A 388 -21.80 -15.73 29.73
N ASN A 389 -22.89 -15.92 30.49
CA ASN A 389 -22.91 -15.44 31.86
C ASN A 389 -21.82 -16.12 32.68
N HIS A 390 -21.58 -17.42 32.44
CA HIS A 390 -20.59 -18.17 33.19
C HIS A 390 -19.27 -17.42 33.29
N TYR A 391 -18.90 -16.68 32.25
CA TYR A 391 -17.64 -15.96 32.25
C TYR A 391 -17.75 -14.56 32.84
N ILE A 392 -18.96 -14.02 32.97
CA ILE A 392 -19.12 -12.68 33.53
C ILE A 392 -18.89 -12.72 35.04
N LEU A 393 -19.54 -13.65 35.74
CA LEU A 393 -19.28 -13.83 37.16
C LEU A 393 -17.81 -14.17 37.40
N LEU A 394 -17.27 -15.08 36.60
CA LEU A 394 -15.89 -15.51 36.75
C LEU A 394 -14.91 -14.36 36.58
N ARG A 395 -15.35 -13.25 35.96
CA ARG A 395 -14.50 -12.10 35.68
C ARG A 395 -14.74 -10.95 36.64
N TYR A 396 -16.00 -10.51 36.78
CA TYR A 396 -16.31 -9.25 37.44
C TYR A 396 -16.78 -9.40 38.87
N HIS A 397 -17.47 -10.50 39.21
CA HIS A 397 -18.07 -10.60 40.53
C HIS A 397 -17.05 -10.94 41.60
N HIS A 398 -16.47 -12.13 41.53
CA HIS A 398 -15.54 -12.61 42.55
C HIS A 398 -14.10 -12.50 42.07
N ASN A 399 -13.19 -12.44 43.04
CA ASN A 399 -11.77 -12.26 42.76
C ASN A 399 -11.25 -13.35 41.84
N GLN A 406 -0.16 -12.82 36.88
CA GLN A 406 -0.96 -13.36 35.77
C GLN A 406 -2.45 -13.13 36.01
N SER A 407 -2.79 -12.38 37.05
CA SER A 407 -4.19 -12.05 37.29
C SER A 407 -4.77 -11.23 36.15
N HIS A 408 -4.00 -10.26 35.63
CA HIS A 408 -4.50 -9.43 34.55
C HIS A 408 -4.54 -10.19 33.23
N PHE A 409 -3.64 -11.15 33.02
CA PHE A 409 -3.78 -12.07 31.90
C PHE A 409 -5.16 -12.72 31.94
N ASP A 410 -5.52 -13.29 33.09
CA ASP A 410 -6.85 -13.91 33.23
C ASP A 410 -7.94 -12.90 32.94
N TYR A 411 -7.84 -11.70 33.51
CA TYR A 411 -8.86 -10.68 33.28
C TYR A 411 -9.03 -10.42 31.78
N ASN A 412 -7.94 -10.22 31.07
CA ASN A 412 -8.03 -9.91 29.64
C ASN A 412 -8.63 -11.06 28.86
N THR A 413 -8.16 -12.29 29.12
CA THR A 413 -8.66 -13.44 28.39
C THR A 413 -10.16 -13.61 28.59
N LEU A 414 -10.63 -13.43 29.83
CA LEU A 414 -12.06 -13.55 30.09
C LEU A 414 -12.85 -12.53 29.29
N GLU A 415 -12.43 -11.25 29.37
CA GLU A 415 -13.09 -10.23 28.57
C GLU A 415 -13.06 -10.58 27.09
N PHE A 416 -11.95 -11.15 26.62
CA PHE A 416 -11.85 -11.55 25.22
C PHE A 416 -12.91 -12.60 24.90
N ILE A 417 -12.96 -13.67 25.70
CA ILE A 417 -13.97 -14.70 25.49
C ILE A 417 -15.37 -14.08 25.53
N ILE A 418 -15.68 -13.37 26.61
CA ILE A 418 -16.96 -12.69 26.71
C ILE A 418 -17.25 -11.89 25.45
N GLU A 419 -16.21 -11.23 24.92
CA GLU A 419 -16.41 -10.41 23.72
C GLU A 419 -16.81 -11.28 22.54
N GLN A 420 -16.06 -12.36 22.29
CA GLN A 420 -16.33 -13.19 21.13
C GLN A 420 -17.75 -13.76 21.18
N LEU A 421 -18.12 -14.36 22.31
CA LEU A 421 -19.46 -14.91 22.43
C LEU A 421 -20.52 -13.83 22.26
N SER A 422 -20.23 -12.62 22.71
CA SER A 422 -21.21 -11.54 22.62
C SER A 422 -21.39 -11.10 21.18
N ILE A 423 -20.30 -11.02 20.41
CA ILE A 423 -20.43 -10.62 19.01
C ILE A 423 -21.25 -11.63 18.25
N ALA A 424 -21.06 -12.92 18.55
CA ALA A 424 -21.89 -13.94 17.93
C ALA A 424 -23.31 -13.88 18.45
N ALA A 425 -23.47 -13.59 19.74
CA ALA A 425 -24.81 -13.52 20.32
C ALA A 425 -25.63 -12.39 19.69
N GLU A 426 -24.96 -11.32 19.26
CA GLU A 426 -25.67 -10.21 18.63
C GLU A 426 -26.53 -10.70 17.47
N ARG A 427 -26.08 -11.71 16.75
CA ARG A 427 -26.77 -12.18 15.55
C ARG A 427 -27.22 -13.63 15.69
N TYR A 428 -28.06 -13.90 16.69
CA TYR A 428 -28.60 -15.24 16.89
C TYR A 428 -30.08 -15.27 16.52
N ASP A 429 -30.55 -16.45 16.16
CA ASP A 429 -31.97 -16.65 15.88
C ASP A 429 -32.75 -16.59 17.18
N TYR A 430 -33.66 -15.62 17.29
CA TYR A 430 -34.43 -15.40 18.51
C TYR A 430 -35.92 -15.53 18.26
N SER A 431 -36.31 -16.51 17.45
CA SER A 431 -37.70 -16.93 17.43
C SER A 431 -38.08 -17.52 18.79
N ASP A 432 -37.17 -18.26 19.41
CA ASP A 432 -37.35 -18.73 20.77
C ASP A 432 -37.45 -17.53 21.71
N GLU A 433 -38.49 -17.52 22.54
CA GLU A 433 -38.70 -16.42 23.48
C GLU A 433 -37.97 -16.65 24.79
N VAL A 434 -37.88 -17.90 25.24
CA VAL A 434 -37.13 -18.19 26.46
C VAL A 434 -35.67 -17.81 26.28
N GLY A 435 -35.11 -18.10 25.11
CA GLY A 435 -33.73 -17.75 24.86
C GLY A 435 -33.51 -16.25 24.87
N ARG A 436 -34.38 -15.52 24.19
CA ARG A 436 -34.25 -14.06 24.14
C ARG A 436 -34.31 -13.47 25.54
N ARG A 437 -35.34 -13.82 26.32
CA ARG A 437 -35.49 -13.27 27.66
C ARG A 437 -34.37 -13.72 28.58
N SER A 438 -33.82 -14.91 28.36
CA SER A 438 -32.69 -15.37 29.17
C SER A 438 -31.48 -14.47 28.93
N MET A 439 -31.01 -14.42 27.69
CA MET A 439 -29.86 -13.59 27.35
C MET A 439 -30.07 -12.16 27.84
N LEU A 440 -31.24 -11.60 27.54
CA LEU A 440 -31.55 -10.23 27.95
C LEU A 440 -31.21 -9.99 29.42
N THR A 441 -31.53 -10.94 30.28
CA THR A 441 -31.19 -10.82 31.70
C THR A 441 -29.70 -10.97 31.95
N VAL A 442 -28.93 -11.45 30.97
CA VAL A 442 -27.49 -11.56 31.14
C VAL A 442 -26.82 -10.23 30.79
N VAL A 443 -27.21 -9.62 29.67
CA VAL A 443 -26.62 -8.35 29.28
C VAL A 443 -27.04 -7.25 30.26
N ARG A 444 -28.30 -7.26 30.67
CA ARG A 444 -28.79 -6.21 31.57
C ARG A 444 -28.02 -6.22 32.89
N ASN A 445 -27.70 -7.41 33.41
CA ASN A 445 -26.87 -7.51 34.59
C ASN A 445 -25.39 -7.41 34.26
N MET A 446 -25.02 -7.47 32.99
CA MET A 446 -23.66 -7.18 32.56
C MET A 446 -23.46 -5.69 32.33
N LEU A 447 -24.38 -5.05 31.60
CA LEU A 447 -24.28 -3.62 31.36
C LEU A 447 -24.36 -2.83 32.65
N ALA A 448 -25.11 -3.33 33.63
CA ALA A 448 -25.21 -2.63 34.91
C ALA A 448 -23.91 -2.65 35.68
N LEU A 449 -22.99 -3.55 35.34
CA LEU A 449 -21.70 -3.59 36.00
C LEU A 449 -20.97 -2.27 35.82
N THR A 450 -20.39 -1.76 36.90
CA THR A 450 -19.66 -0.50 36.87
C THR A 450 -18.20 -0.65 36.49
N THR A 451 -17.71 -1.88 36.38
CA THR A 451 -16.32 -2.14 36.00
C THR A 451 -16.22 -2.80 34.63
N LEU A 452 -17.25 -2.67 33.80
CA LEU A 452 -17.26 -3.27 32.48
C LEU A 452 -16.38 -2.47 31.54
N SER A 453 -15.41 -3.14 30.92
CA SER A 453 -14.51 -2.45 30.00
C SER A 453 -15.24 -2.05 28.73
N GLU A 454 -14.74 -1.00 28.08
CA GLU A 454 -15.45 -0.42 26.95
C GLU A 454 -15.72 -1.42 25.84
N PRO A 455 -14.79 -2.28 25.43
CA PRO A 455 -15.10 -3.24 24.37
C PRO A 455 -16.35 -4.06 24.66
N LEU A 456 -16.56 -4.43 25.93
CA LEU A 456 -17.74 -5.19 26.30
C LEU A 456 -18.97 -4.29 26.39
N ILE A 457 -18.80 -3.03 26.79
CA ILE A 457 -19.93 -2.10 26.79
C ILE A 457 -20.47 -1.94 25.38
N LYS A 458 -19.58 -1.74 24.41
CA LYS A 458 -20.01 -1.56 23.03
C LYS A 458 -20.88 -2.72 22.58
N ILE A 459 -20.38 -3.96 22.72
CA ILE A 459 -21.09 -5.10 22.18
C ILE A 459 -22.32 -5.43 23.01
N GLY A 460 -22.24 -5.23 24.32
CA GLY A 460 -23.42 -5.43 25.15
C GLY A 460 -24.62 -4.66 24.64
N ILE A 461 -24.42 -3.37 24.36
CA ILE A 461 -25.50 -2.57 23.78
C ILE A 461 -25.91 -3.15 22.44
N ARG A 462 -24.94 -3.57 21.63
CA ARG A 462 -25.25 -4.13 20.33
C ARG A 462 -26.15 -5.35 20.46
N VAL A 463 -25.87 -6.21 21.45
CA VAL A 463 -26.70 -7.39 21.67
C VAL A 463 -28.08 -6.97 22.14
N MET A 464 -28.14 -6.08 23.13
CA MET A 464 -29.43 -5.66 23.67
C MET A 464 -30.27 -4.98 22.61
N LYS A 465 -29.62 -4.31 21.64
CA LYS A 465 -30.36 -3.74 20.52
C LYS A 465 -31.02 -4.83 19.69
N SER A 466 -30.37 -5.99 19.58
CA SER A 466 -30.92 -7.08 18.79
C SER A 466 -32.08 -7.77 19.50
N LEU A 467 -32.09 -7.76 20.84
CA LEU A 467 -33.15 -8.41 21.57
C LEU A 467 -34.43 -7.59 21.56
N SER A 468 -34.33 -6.28 21.72
CA SER A 468 -35.49 -5.42 21.84
C SER A 468 -36.48 -5.67 20.69
N ILE A 469 -37.77 -5.56 21.01
CA ILE A 469 -38.80 -5.76 19.99
C ILE A 469 -38.97 -4.51 19.14
N ASN A 470 -38.83 -3.34 19.76
CA ASN A 470 -38.95 -2.08 19.05
C ASN A 470 -37.91 -1.11 19.62
N GLU A 471 -37.83 0.06 19.00
CA GLU A 471 -36.83 1.04 19.42
C GLU A 471 -37.11 1.55 20.83
N LYS A 472 -38.32 2.04 21.08
CA LYS A 472 -38.65 2.59 22.39
C LYS A 472 -38.25 1.63 23.50
N ASP A 473 -38.53 0.33 23.31
CA ASP A 473 -38.06 -0.66 24.27
C ASP A 473 -36.57 -0.53 24.49
N PHE A 474 -35.79 -0.67 23.41
CA PHE A 474 -34.33 -0.63 23.53
C PHE A 474 -33.88 0.62 24.27
N VAL A 475 -34.47 1.77 23.96
CA VAL A 475 -34.11 3.00 24.63
C VAL A 475 -34.39 2.88 26.14
N THR A 476 -35.62 2.53 26.48
CA THR A 476 -36.03 2.49 27.89
C THR A 476 -35.06 1.65 28.71
N MET A 477 -34.79 0.42 28.27
CA MET A 477 -33.94 -0.47 29.05
C MET A 477 -32.56 0.15 29.24
N ALA A 478 -31.97 0.63 28.16
CA ALA A 478 -30.66 1.27 28.26
C ALA A 478 -30.70 2.44 29.24
N ILE A 479 -31.64 3.37 29.05
CA ILE A 479 -31.74 4.53 29.93
C ILE A 479 -31.79 4.09 31.38
N GLU A 480 -32.57 3.04 31.67
CA GLU A 480 -32.71 2.58 33.05
C GLU A 480 -31.34 2.17 33.62
N ILE A 481 -30.56 1.43 32.84
CA ILE A 481 -29.23 1.04 33.29
C ILE A 481 -28.37 2.27 33.52
N ILE A 482 -28.52 3.27 32.65
CA ILE A 482 -27.71 4.48 32.77
C ILE A 482 -28.06 5.23 34.05
N ASN A 483 -29.36 5.45 34.29
CA ASN A 483 -29.76 6.21 35.46
C ASN A 483 -29.43 5.47 36.76
N ASP A 484 -29.54 4.14 36.75
CA ASP A 484 -29.23 3.37 37.95
C ASP A 484 -27.79 3.57 38.37
N ILE A 485 -26.86 3.42 37.42
CA ILE A 485 -25.45 3.67 37.74
C ILE A 485 -25.26 5.11 38.15
N ARG A 486 -26.02 6.02 37.56
CA ARG A 486 -25.98 7.42 37.98
C ARG A 486 -26.47 7.58 39.40
N ASP A 487 -27.66 7.05 39.70
CA ASP A 487 -28.28 7.28 40.99
C ASP A 487 -27.58 6.51 42.10
N ASP A 488 -26.95 5.38 41.78
CA ASP A 488 -26.32 4.57 42.82
C ASP A 488 -25.20 5.32 43.52
N ASP A 489 -24.54 6.25 42.82
CA ASP A 489 -23.47 7.02 43.43
C ASP A 489 -23.98 8.26 44.14
N ILE A 490 -25.04 8.88 43.61
CA ILE A 490 -25.60 10.06 44.26
C ILE A 490 -26.18 9.70 45.61
N GLU A 491 -27.03 8.66 45.65
CA GLU A 491 -27.64 8.26 46.90
C GLU A 491 -26.64 7.70 47.90
N LYS A 492 -25.47 7.26 47.42
CA LYS A 492 -24.45 6.78 48.35
C LYS A 492 -23.79 7.94 49.09
N GLN A 493 -23.74 9.12 48.47
CA GLN A 493 -23.25 10.32 49.12
C GLN A 493 -24.31 11.04 49.93
N GLU A 494 -25.58 10.69 49.76
CA GLU A 494 -26.68 11.37 50.42
C GLU A 494 -26.45 11.44 51.92
N GLU A 506 -24.06 18.89 46.50
CA GLU A 506 -23.10 17.90 46.03
C GLU A 506 -23.78 16.75 45.30
N LYS A 507 -24.96 17.03 44.74
CA LYS A 507 -25.76 16.00 44.07
C LYS A 507 -25.36 15.90 42.59
N GLU A 508 -24.19 15.31 42.36
CA GLU A 508 -23.73 14.98 41.02
C GLU A 508 -22.82 13.78 41.09
N ALA A 509 -23.03 12.84 40.17
CA ALA A 509 -22.27 11.59 40.18
C ALA A 509 -20.78 11.87 40.04
N SER A 510 -19.98 10.92 40.52
CA SER A 510 -18.54 11.05 40.42
C SER A 510 -18.11 11.15 38.97
N SER A 511 -16.99 11.84 38.74
CA SER A 511 -16.50 12.04 37.38
C SER A 511 -16.44 10.72 36.62
N ALA A 512 -15.96 9.66 37.28
CA ALA A 512 -15.91 8.35 36.63
C ALA A 512 -17.29 7.95 36.12
N THR A 513 -18.25 7.83 37.03
CA THR A 513 -19.62 7.45 36.68
C THR A 513 -20.09 8.23 35.46
N ILE A 514 -19.76 9.53 35.40
CA ILE A 514 -20.20 10.35 34.27
C ILE A 514 -19.64 9.79 32.97
N VAL A 515 -18.41 9.27 33.00
CA VAL A 515 -17.83 8.66 31.82
C VAL A 515 -18.66 7.47 31.39
N LEU A 516 -18.93 6.56 32.33
CA LEU A 516 -19.59 5.30 31.99
C LEU A 516 -20.96 5.54 31.38
N CYS A 517 -21.74 6.44 31.98
CA CYS A 517 -23.06 6.75 31.44
C CYS A 517 -22.96 7.30 30.02
N LEU A 518 -21.97 8.16 29.78
CA LEU A 518 -21.90 8.82 28.48
C LEU A 518 -21.46 7.87 27.38
N THR A 519 -20.48 7.00 27.67
CA THR A 519 -20.08 6.02 26.66
C THR A 519 -21.23 5.08 26.33
N ARG A 520 -21.99 4.68 27.36
CA ARG A 520 -23.15 3.83 27.12
C ARG A 520 -24.19 4.55 26.26
N SER A 521 -24.35 5.85 26.47
CA SER A 521 -25.37 6.59 25.74
C SER A 521 -25.02 6.73 24.26
N SER A 522 -23.74 6.98 23.97
CA SER A 522 -23.32 7.13 22.58
C SER A 522 -23.60 5.87 21.78
N TYR A 523 -23.19 4.72 22.31
CA TYR A 523 -23.44 3.46 21.61
C TYR A 523 -24.93 3.22 21.42
N MET A 524 -25.74 3.63 22.39
CA MET A 524 -27.19 3.57 22.22
C MET A 524 -27.63 4.55 21.14
N LEU A 525 -27.27 5.82 21.28
CA LEU A 525 -27.69 6.84 20.33
C LEU A 525 -27.22 6.53 18.93
N GLU A 526 -26.09 5.83 18.79
CA GLU A 526 -25.64 5.41 17.46
C GLU A 526 -26.65 4.49 16.80
N LEU A 527 -27.45 3.78 17.59
CA LEU A 527 -28.41 2.82 17.08
C LEU A 527 -29.82 3.40 16.95
N VAL A 528 -30.17 4.40 17.75
CA VAL A 528 -31.45 5.07 17.63
C VAL A 528 -31.48 5.86 16.32
N ASN A 529 -32.59 5.76 15.60
CA ASN A 529 -32.71 6.41 14.29
C ASN A 529 -34.12 6.97 14.10
N THR A 530 -34.60 7.71 15.10
CA THR A 530 -35.89 8.38 15.00
C THR A 530 -35.83 9.64 15.84
N PRO A 531 -36.74 10.60 15.60
CA PRO A 531 -36.63 11.89 16.29
C PRO A 531 -36.61 11.75 17.80
N LEU A 532 -36.19 12.85 18.46
CA LEU A 532 -36.15 12.88 19.92
C LEU A 532 -37.55 13.04 20.52
N THR A 533 -38.43 13.77 19.84
CA THR A 533 -39.78 13.99 20.37
C THR A 533 -40.48 12.66 20.62
N GLU A 534 -40.21 11.65 19.80
CA GLU A 534 -40.86 10.35 19.95
C GLU A 534 -40.28 9.53 21.08
N ASN A 535 -39.10 9.90 21.58
CA ASN A 535 -38.48 9.23 22.73
C ASN A 535 -38.17 10.29 23.77
N ILE A 536 -39.08 10.44 24.74
CA ILE A 536 -38.95 11.50 25.73
C ILE A 536 -37.76 11.26 26.64
N LEU A 537 -37.36 10.01 26.84
CA LEU A 537 -36.30 9.72 27.81
C LEU A 537 -34.96 10.28 27.36
N ILE A 538 -34.70 10.30 26.06
CA ILE A 538 -33.43 10.83 25.56
C ILE A 538 -33.26 12.27 26.04
N ALA A 539 -34.28 13.10 25.84
CA ALA A 539 -34.18 14.50 26.23
C ALA A 539 -33.89 14.63 27.72
N SER A 540 -34.56 13.84 28.55
CA SER A 540 -34.31 13.90 29.98
C SER A 540 -32.86 13.55 30.29
N LEU A 541 -32.38 12.43 29.75
CA LEU A 541 -30.97 12.09 29.90
C LEU A 541 -30.09 13.23 29.45
N MET A 542 -30.33 13.74 28.24
CA MET A 542 -29.50 14.82 27.71
C MET A 542 -29.50 16.02 28.66
N ASP A 543 -30.67 16.36 29.20
CA ASP A 543 -30.76 17.49 30.12
C ASP A 543 -29.92 17.26 31.37
N THR A 544 -29.75 16.00 31.79
CA THR A 544 -29.04 15.73 33.04
C THR A 544 -27.54 15.90 32.88
N LEU A 545 -26.90 15.04 32.08
CA LEU A 545 -25.45 15.02 32.02
C LEU A 545 -24.85 15.37 30.67
N ILE A 546 -25.54 15.08 29.56
CA ILE A 546 -24.98 15.45 28.25
C ILE A 546 -24.62 16.93 28.25
N THR A 547 -25.41 17.75 28.93
CA THR A 547 -25.17 19.18 28.93
C THR A 547 -24.08 19.52 29.94
N PRO A 548 -24.23 19.19 31.25
CA PRO A 548 -23.11 19.36 32.17
C PRO A 548 -21.83 18.68 31.71
N ALA A 549 -21.94 17.67 30.85
CA ALA A 549 -20.74 17.07 30.29
C ALA A 549 -20.01 18.04 29.38
N VAL A 550 -20.77 18.80 28.58
CA VAL A 550 -20.16 19.81 27.72
C VAL A 550 -19.51 20.90 28.56
N ARG A 551 -20.18 21.30 29.64
CA ARG A 551 -19.69 22.38 30.50
C ARG A 551 -18.66 21.91 31.51
N ASN A 552 -18.19 20.67 31.42
CA ASN A 552 -17.23 20.14 32.38
C ASN A 552 -15.86 20.76 32.13
N THR A 553 -14.95 20.52 33.08
CA THR A 553 -13.57 20.97 32.96
C THR A 553 -12.63 19.85 32.54
N ALA A 554 -13.09 18.60 32.50
CA ALA A 554 -12.25 17.48 32.08
C ALA A 554 -12.29 17.33 30.57
N PRO A 555 -11.15 17.09 29.91
CA PRO A 555 -11.18 16.91 28.45
C PRO A 555 -12.02 15.71 28.03
N ASN A 556 -11.66 14.52 28.52
CA ASN A 556 -12.33 13.30 28.09
C ASN A 556 -13.84 13.39 28.27
N ILE A 557 -14.29 13.89 29.43
CA ILE A 557 -15.72 14.04 29.66
C ILE A 557 -16.31 15.03 28.65
N ARG A 558 -15.60 16.12 28.39
CA ARG A 558 -16.06 17.08 27.40
C ARG A 558 -16.22 16.41 26.04
N GLU A 559 -15.17 15.77 25.55
CA GLU A 559 -15.24 15.08 24.26
C GLU A 559 -16.46 14.18 24.19
N LEU A 560 -16.67 13.36 25.23
CA LEU A 560 -17.84 12.48 25.25
C LEU A 560 -19.13 13.29 25.18
N GLY A 561 -19.21 14.39 25.92
CA GLY A 561 -20.40 15.23 25.88
C GLY A 561 -20.71 15.71 24.47
N VAL A 562 -19.68 16.11 23.72
CA VAL A 562 -19.90 16.55 22.35
C VAL A 562 -20.30 15.36 21.48
N LYS A 563 -19.67 14.20 21.70
CA LYS A 563 -20.01 13.01 20.96
C LYS A 563 -21.50 12.69 21.08
N ASN A 564 -21.98 12.53 22.31
CA ASN A 564 -23.40 12.26 22.52
C ASN A 564 -24.25 13.42 22.01
N LEU A 565 -23.81 14.65 22.27
CA LEU A 565 -24.56 15.81 21.80
C LEU A 565 -24.76 15.75 20.29
N GLY A 566 -23.69 15.43 19.55
CA GLY A 566 -23.83 15.31 18.11
C GLY A 566 -24.82 14.24 17.70
N LEU A 567 -24.79 13.09 18.40
CA LEU A 567 -25.70 12.00 18.07
C LEU A 567 -27.15 12.40 18.27
N CYS A 568 -27.41 13.27 19.26
CA CYS A 568 -28.76 13.79 19.44
C CYS A 568 -29.10 14.85 18.41
N CYS A 569 -28.11 15.64 17.98
CA CYS A 569 -28.37 16.68 16.99
C CYS A 569 -28.80 16.09 15.65
N LEU A 570 -28.30 14.89 15.32
CA LEU A 570 -28.74 14.23 14.10
C LEU A 570 -30.20 13.83 14.14
N LEU A 571 -30.82 13.83 15.31
CA LEU A 571 -32.21 13.40 15.47
C LEU A 571 -33.17 14.58 15.56
N ASP A 572 -32.77 15.68 16.19
CA ASP A 572 -33.60 16.87 16.32
C ASP A 572 -32.90 18.03 15.61
N VAL A 573 -33.58 18.60 14.61
CA VAL A 573 -32.96 19.67 13.83
C VAL A 573 -32.82 20.93 14.69
N LYS A 574 -33.88 21.33 15.38
CA LYS A 574 -33.81 22.53 16.20
C LYS A 574 -32.72 22.43 17.24
N LEU A 575 -32.48 21.21 17.76
CA LEU A 575 -31.40 21.02 18.71
C LEU A 575 -30.06 21.29 18.06
N ALA A 576 -29.91 20.90 16.79
CA ALA A 576 -28.67 21.19 16.07
C ALA A 576 -28.47 22.70 15.94
N ILE A 577 -29.51 23.42 15.52
CA ILE A 577 -29.40 24.86 15.32
C ILE A 577 -29.00 25.54 16.62
N ASP A 578 -29.67 25.19 17.72
CA ASP A 578 -29.35 25.75 19.02
C ASP A 578 -27.92 25.45 19.44
N ASN A 579 -27.28 24.47 18.82
CA ASN A 579 -25.94 24.05 19.21
C ASN A 579 -24.92 24.21 18.09
N MET A 580 -25.30 24.81 16.96
CA MET A 580 -24.33 25.06 15.90
C MET A 580 -23.21 25.97 16.38
N TYR A 581 -23.56 27.06 17.05
CA TYR A 581 -22.56 28.03 17.48
C TYR A 581 -21.61 27.43 18.51
N ILE A 582 -22.16 26.80 19.56
CA ILE A 582 -21.32 26.29 20.64
C ILE A 582 -20.24 25.38 20.10
N LEU A 583 -20.57 24.55 19.12
CA LEU A 583 -19.59 23.65 18.54
C LEU A 583 -18.48 24.44 17.86
N GLY A 584 -18.83 25.52 17.17
CA GLY A 584 -17.84 26.30 16.44
C GLY A 584 -16.77 26.87 17.34
N MET A 585 -17.09 27.13 18.60
CA MET A 585 -16.10 27.67 19.53
C MET A 585 -15.12 26.61 20.01
N CYS A 586 -15.59 25.36 20.16
CA CYS A 586 -14.70 24.28 20.55
C CYS A 586 -13.76 23.90 19.41
N VAL A 587 -14.20 24.07 18.16
CA VAL A 587 -13.33 23.79 17.03
C VAL A 587 -12.31 24.90 16.84
N SER A 588 -12.52 26.06 17.45
CA SER A 588 -11.57 27.17 17.31
C SER A 588 -10.60 27.22 18.47
N LYS A 589 -11.10 27.08 19.70
CA LYS A 589 -10.29 27.23 20.89
C LYS A 589 -10.02 25.91 21.61
N GLY A 590 -10.65 24.82 21.20
CA GLY A 590 -10.49 23.56 21.89
C GLY A 590 -9.16 22.90 21.59
N ASN A 591 -8.68 22.11 22.55
CA ASN A 591 -7.46 21.36 22.33
C ASN A 591 -7.66 20.35 21.21
N ALA A 592 -6.56 19.73 20.78
CA ALA A 592 -6.59 18.86 19.61
C ALA A 592 -7.68 17.80 19.74
N SER A 593 -7.72 17.10 20.88
CA SER A 593 -8.67 16.02 21.05
C SER A 593 -10.11 16.52 20.90
N LEU A 594 -10.44 17.59 21.62
CA LEU A 594 -11.79 18.14 21.53
C LEU A 594 -12.05 18.73 20.15
N LYS A 595 -11.11 19.55 19.65
CA LYS A 595 -11.23 20.07 18.30
C LYS A 595 -11.41 18.95 17.29
N TYR A 596 -10.77 17.81 17.53
CA TYR A 596 -10.90 16.67 16.63
C TYR A 596 -12.33 16.16 16.57
N ILE A 597 -12.92 15.88 17.74
CA ILE A 597 -14.25 15.29 17.77
C ILE A 597 -15.30 16.32 17.41
N ALA A 598 -15.11 17.58 17.81
CA ALA A 598 -16.12 18.59 17.57
C ALA A 598 -16.35 18.81 16.09
N LEU A 599 -15.27 18.82 15.31
CA LEU A 599 -15.43 19.04 13.87
C LEU A 599 -16.22 17.91 13.22
N GLN A 600 -15.93 16.66 13.59
CA GLN A 600 -16.67 15.55 13.02
C GLN A 600 -18.16 15.73 13.21
N VAL A 601 -18.58 16.17 14.39
CA VAL A 601 -20.00 16.41 14.66
C VAL A 601 -20.57 17.35 13.61
N ILE A 602 -19.88 18.47 13.37
CA ILE A 602 -20.42 19.49 12.46
C ILE A 602 -20.58 18.91 11.06
N VAL A 603 -19.64 18.07 10.63
CA VAL A 603 -19.72 17.50 9.30
C VAL A 603 -20.97 16.66 9.15
N ASP A 604 -21.29 15.86 10.17
CA ASP A 604 -22.42 14.94 10.08
C ASP A 604 -23.74 15.69 10.21
N ILE A 605 -23.81 16.68 11.08
CA ILE A 605 -25.02 17.50 11.17
C ILE A 605 -25.38 18.02 9.79
N PHE A 606 -24.38 18.43 9.01
CA PHE A 606 -24.63 18.93 7.66
C PHE A 606 -25.07 17.81 6.72
N SER A 607 -24.48 16.62 6.87
CA SER A 607 -24.78 15.52 5.97
C SER A 607 -26.26 15.20 5.98
N VAL A 608 -26.91 15.29 7.14
CA VAL A 608 -28.29 14.87 7.28
C VAL A 608 -29.26 16.04 7.12
N HIS A 609 -28.89 17.22 7.62
CA HIS A 609 -29.80 18.36 7.63
C HIS A 609 -29.51 19.38 6.54
N GLY A 610 -28.32 19.34 5.95
CA GLY A 610 -28.02 20.27 4.88
C GLY A 610 -27.76 21.67 5.40
N ASN A 611 -28.37 22.66 4.75
CA ASN A 611 -28.18 24.06 5.10
C ASN A 611 -29.29 24.60 6.00
N THR A 612 -30.23 23.75 6.42
CA THR A 612 -31.31 24.21 7.29
C THR A 612 -30.80 24.69 8.63
N VAL A 613 -29.58 24.29 9.02
CA VAL A 613 -29.04 24.66 10.33
C VAL A 613 -28.19 25.92 10.28
N VAL A 614 -28.09 26.59 9.13
CA VAL A 614 -27.28 27.79 9.00
C VAL A 614 -28.05 28.82 8.16
N ASP A 615 -27.57 30.05 8.21
CA ASP A 615 -28.12 31.13 7.40
C ASP A 615 -29.62 31.26 7.58
N GLY A 616 -30.03 31.87 8.69
CA GLY A 616 -31.43 32.07 8.96
C GLY A 616 -31.61 32.71 10.32
N GLU A 617 -32.86 33.02 10.65
CA GLU A 617 -33.18 33.61 11.93
C GLU A 617 -32.78 32.66 13.05
N GLY A 618 -31.93 33.14 13.96
CA GLY A 618 -31.42 32.30 15.02
C GLY A 618 -30.50 31.20 14.56
N LYS A 619 -30.10 31.19 13.29
CA LYS A 619 -29.22 30.18 12.73
C LYS A 619 -27.89 30.84 12.37
N VAL A 620 -26.79 30.14 12.67
CA VAL A 620 -25.47 30.70 12.46
C VAL A 620 -25.23 30.94 10.98
N ASP A 621 -24.52 32.03 10.67
CA ASP A 621 -24.17 32.34 9.30
C ASP A 621 -23.10 31.37 8.80
N SER A 622 -23.25 30.92 7.54
CA SER A 622 -22.31 29.97 6.99
C SER A 622 -20.91 30.55 6.87
N ILE A 623 -20.79 31.89 6.78
CA ILE A 623 -19.48 32.49 6.58
C ILE A 623 -18.58 32.19 7.75
N SER A 624 -19.12 32.25 8.97
CA SER A 624 -18.32 31.93 10.15
C SER A 624 -17.82 30.50 10.10
N LEU A 625 -18.66 29.57 9.66
CA LEU A 625 -18.27 28.17 9.63
C LEU A 625 -17.24 27.91 8.53
N HIS A 626 -17.40 28.56 7.38
CA HIS A 626 -16.38 28.45 6.34
C HIS A 626 -15.04 28.96 6.86
N LYS A 627 -15.06 29.99 7.71
CA LYS A 627 -13.82 30.48 8.29
C LYS A 627 -13.21 29.48 9.27
N ILE A 628 -14.04 28.68 9.94
CA ILE A 628 -13.52 27.68 10.84
C ILE A 628 -12.92 26.52 10.04
N PHE A 629 -13.57 26.15 8.93
CA PHE A 629 -12.97 25.16 8.04
C PHE A 629 -11.61 25.63 7.53
N TYR A 630 -11.51 26.90 7.14
CA TYR A 630 -10.22 27.46 6.73
C TYR A 630 -9.17 27.23 7.80
N LYS A 631 -9.44 27.65 9.03
CA LYS A 631 -8.44 27.60 10.08
C LYS A 631 -7.94 26.17 10.30
N VAL A 632 -8.86 25.22 10.43
CA VAL A 632 -8.46 23.83 10.65
C VAL A 632 -7.63 23.34 9.47
N LEU A 633 -8.12 23.56 8.26
CA LEU A 633 -7.42 23.10 7.06
C LEU A 633 -6.02 23.70 6.98
N LYS A 634 -5.91 25.00 7.20
CA LYS A 634 -4.61 25.67 7.12
C LYS A 634 -3.66 25.13 8.19
N ASN A 635 -4.15 25.01 9.42
CA ASN A 635 -3.31 24.68 10.55
C ASN A 635 -2.39 23.50 10.24
N ASN A 636 -1.08 23.77 10.30
CA ASN A 636 -0.08 22.75 10.03
C ASN A 636 0.29 21.94 11.27
N GLY A 637 -0.06 22.42 12.46
CA GLY A 637 0.41 21.77 13.68
C GLY A 637 -0.31 20.48 14.00
N LEU A 638 -1.58 20.38 13.64
CA LEU A 638 -2.40 19.21 13.95
C LEU A 638 -2.81 18.52 12.65
N PRO A 639 -2.08 17.50 12.21
CA PRO A 639 -2.40 16.88 10.91
C PRO A 639 -3.75 16.19 10.90
N GLU A 640 -3.96 15.26 11.84
CA GLU A 640 -5.20 14.50 11.84
C GLU A 640 -6.42 15.39 11.72
N CYS A 641 -6.38 16.56 12.36
CA CYS A 641 -7.50 17.49 12.24
C CYS A 641 -7.63 18.03 10.82
N GLN A 642 -6.51 18.20 10.11
CA GLN A 642 -6.60 18.53 8.69
C GLN A 642 -7.35 17.44 7.93
N VAL A 643 -7.07 16.18 8.26
CA VAL A 643 -7.63 15.06 7.49
C VAL A 643 -9.15 15.11 7.54
N ILE A 644 -9.72 15.21 8.74
CA ILE A 644 -11.18 15.22 8.87
C ILE A 644 -11.77 16.49 8.28
N ALA A 645 -11.04 17.60 8.37
CA ALA A 645 -11.49 18.81 7.69
C ALA A 645 -11.50 18.62 6.17
N ALA A 646 -10.47 17.96 5.64
CA ALA A 646 -10.44 17.65 4.22
C ALA A 646 -11.50 16.60 3.88
N GLU A 647 -11.49 15.47 4.59
CA GLU A 647 -12.44 14.40 4.28
C GLU A 647 -13.87 14.89 4.42
N GLY A 648 -14.13 15.73 5.42
CA GLY A 648 -15.48 16.25 5.59
C GLY A 648 -15.91 17.15 4.45
N LEU A 649 -15.07 18.13 4.10
CA LEU A 649 -15.45 19.08 3.07
C LEU A 649 -15.79 18.39 1.76
N CYS A 650 -15.06 17.32 1.42
CA CYS A 650 -15.35 16.59 0.19
C CYS A 650 -16.73 15.97 0.24
N LYS A 651 -17.07 15.32 1.36
CA LYS A 651 -18.39 14.71 1.50
C LYS A 651 -19.48 15.76 1.31
N LEU A 652 -19.30 16.94 1.89
CA LEU A 652 -20.31 17.98 1.77
C LEU A 652 -20.44 18.47 0.33
N PHE A 653 -19.30 18.81 -0.29
CA PHE A 653 -19.34 19.22 -1.70
C PHE A 653 -19.94 18.12 -2.56
N LEU A 654 -19.73 16.86 -2.20
CA LEU A 654 -20.30 15.76 -2.96
C LEU A 654 -21.83 15.80 -2.92
N ALA A 655 -22.39 15.93 -1.73
CA ALA A 655 -23.85 16.00 -1.58
C ALA A 655 -24.43 17.31 -2.05
N ASP A 656 -23.60 18.24 -2.55
CA ASP A 656 -24.04 19.54 -3.04
C ASP A 656 -24.62 20.42 -1.94
N VAL A 657 -24.28 20.14 -0.68
CA VAL A 657 -24.63 21.07 0.39
C VAL A 657 -23.66 22.24 0.45
N PHE A 658 -22.45 22.07 -0.06
CA PHE A 658 -21.47 23.14 -0.20
C PHE A 658 -21.23 23.40 -1.69
N THR A 659 -21.16 24.68 -2.07
CA THR A 659 -20.95 25.04 -3.46
C THR A 659 -20.18 26.35 -3.59
N ASP A 660 -19.31 26.67 -2.63
CA ASP A 660 -18.54 27.90 -2.66
C ASP A 660 -17.19 27.63 -3.33
N ASP A 661 -16.94 28.33 -4.43
CA ASP A 661 -15.71 28.10 -5.20
C ASP A 661 -14.48 28.53 -4.43
N ASP A 662 -14.49 29.77 -3.91
CA ASP A 662 -13.33 30.26 -3.17
C ASP A 662 -12.93 29.33 -2.04
N LEU A 663 -13.90 28.58 -1.51
CA LEU A 663 -13.57 27.51 -0.56
C LEU A 663 -13.10 26.26 -1.28
N PHE A 664 -13.80 25.88 -2.35
CA PHE A 664 -13.37 24.72 -3.12
C PHE A 664 -11.98 24.93 -3.70
N GLU A 665 -11.63 26.17 -4.04
CA GLU A 665 -10.29 26.45 -4.53
C GLU A 665 -9.25 26.21 -3.43
N THR A 666 -9.49 26.78 -2.24
CA THR A 666 -8.60 26.52 -1.11
C THR A 666 -8.51 25.04 -0.78
N LEU A 667 -9.53 24.26 -1.14
CA LEU A 667 -9.52 22.84 -0.84
C LEU A 667 -8.50 22.11 -1.70
N VAL A 668 -8.42 22.45 -2.99
CA VAL A 668 -7.49 21.78 -3.88
C VAL A 668 -6.06 22.23 -3.61
N LEU A 669 -5.87 23.50 -3.21
CA LEU A 669 -4.52 23.99 -2.97
C LEU A 669 -3.84 23.18 -1.88
N SER A 670 -4.56 22.90 -0.79
CA SER A 670 -3.97 22.17 0.32
C SER A 670 -3.50 20.78 -0.07
N TYR A 671 -3.88 20.29 -1.25
CA TYR A 671 -3.42 18.98 -1.71
C TYR A 671 -1.97 19.04 -2.19
N PHE A 672 -1.68 19.90 -3.16
CA PHE A 672 -0.33 19.99 -3.70
C PHE A 672 0.60 20.83 -2.84
N SER A 673 0.07 21.67 -1.97
CA SER A 673 0.91 22.63 -1.26
C SER A 673 2.07 21.91 -0.59
N PRO A 674 3.29 22.47 -0.64
CA PRO A 674 4.42 21.78 0.00
C PRO A 674 4.31 21.67 1.50
N ILE A 675 3.42 22.45 2.13
CA ILE A 675 3.31 22.40 3.59
C ILE A 675 2.53 21.17 4.02
N ASN A 676 1.67 20.64 3.15
CA ASN A 676 0.88 19.46 3.45
C ASN A 676 1.42 18.20 2.77
N SER A 677 2.53 18.29 2.05
CA SER A 677 3.10 17.11 1.41
C SER A 677 3.66 16.12 2.42
N SER A 678 3.84 16.51 3.67
CA SER A 678 4.39 15.64 4.69
C SER A 678 3.33 14.83 5.43
N ASN A 679 2.05 15.14 5.22
CA ASN A 679 0.95 14.42 5.88
C ASN A 679 0.49 13.32 4.94
N GLU A 680 0.90 12.08 5.23
CA GLU A 680 0.56 10.97 4.35
C GLU A 680 -0.95 10.75 4.30
N ALA A 681 -1.61 10.79 5.45
CA ALA A 681 -3.06 10.58 5.48
C ALA A 681 -3.79 11.60 4.63
N LEU A 682 -3.28 12.83 4.58
CA LEU A 682 -4.00 13.90 3.90
C LEU A 682 -3.93 13.74 2.38
N VAL A 683 -2.79 13.26 1.86
CA VAL A 683 -2.62 13.16 0.42
C VAL A 683 -3.59 12.14 -0.16
N GLN A 684 -3.64 10.95 0.43
CA GLN A 684 -4.46 9.88 -0.13
C GLN A 684 -5.94 10.27 -0.12
N ALA A 685 -6.37 10.98 0.92
CA ALA A 685 -7.77 11.41 0.99
C ALA A 685 -8.17 12.21 -0.24
N PHE A 686 -7.34 13.19 -0.61
CA PHE A 686 -7.65 14.00 -1.78
C PHE A 686 -7.46 13.21 -3.07
N ALA A 687 -6.53 12.26 -3.08
CA ALA A 687 -6.34 11.43 -4.26
C ALA A 687 -7.63 10.74 -4.66
N PHE A 688 -8.41 10.30 -3.68
CA PHE A 688 -9.66 9.58 -3.94
C PHE A 688 -10.84 10.52 -4.11
N CYS A 689 -10.88 11.62 -3.34
CA CYS A 689 -12.06 12.47 -3.32
C CYS A 689 -12.13 13.39 -4.53
N ILE A 690 -11.01 13.91 -5.00
CA ILE A 690 -11.04 14.90 -6.08
C ILE A 690 -11.50 14.22 -7.36
N PRO A 691 -10.94 13.06 -7.74
CA PRO A 691 -11.47 12.39 -8.94
C PRO A 691 -12.96 12.12 -8.90
N VAL A 692 -13.46 11.57 -7.79
CA VAL A 692 -14.87 11.20 -7.73
C VAL A 692 -15.74 12.44 -7.84
N TYR A 693 -15.30 13.56 -7.26
CA TYR A 693 -16.10 14.78 -7.32
C TYR A 693 -16.20 15.29 -8.75
N CYS A 694 -15.07 15.36 -9.45
CA CYS A 694 -15.06 15.87 -10.81
C CYS A 694 -15.81 14.95 -11.77
N PHE A 695 -15.70 13.64 -11.55
CA PHE A 695 -16.31 12.67 -12.46
C PHE A 695 -17.73 12.30 -12.07
N SER A 696 -18.24 12.79 -10.94
CA SER A 696 -19.58 12.42 -10.50
C SER A 696 -20.65 13.11 -11.35
N HIS A 697 -20.52 14.41 -11.53
CA HIS A 697 -21.56 15.21 -12.17
C HIS A 697 -20.90 16.31 -13.01
N PRO A 698 -21.51 16.66 -14.16
CA PRO A 698 -20.97 17.77 -14.94
C PRO A 698 -20.75 19.04 -14.12
N ALA A 699 -21.70 19.41 -13.27
CA ALA A 699 -21.58 20.64 -12.51
C ALA A 699 -20.34 20.62 -11.62
N HIS A 700 -20.08 19.49 -10.97
CA HIS A 700 -18.89 19.40 -10.12
C HIS A 700 -17.62 19.57 -10.93
N GLN A 701 -17.54 18.95 -12.11
CA GLN A 701 -16.40 19.15 -12.99
C GLN A 701 -16.32 20.60 -13.44
N GLN A 702 -17.44 21.16 -13.87
CA GLN A 702 -17.47 22.56 -14.28
C GLN A 702 -16.84 23.44 -13.22
N ARG A 703 -17.20 23.21 -11.95
CA ARG A 703 -16.63 23.99 -10.87
C ARG A 703 -15.11 23.88 -10.85
N MET A 704 -14.58 22.67 -11.06
CA MET A 704 -13.13 22.50 -11.13
C MET A 704 -12.55 23.36 -12.24
N SER A 705 -13.13 23.29 -13.44
CA SER A 705 -12.60 24.03 -14.57
C SER A 705 -12.61 25.54 -14.31
N ARG A 706 -13.71 26.05 -13.75
CA ARG A 706 -13.81 27.49 -13.53
C ARG A 706 -12.70 28.01 -12.64
N THR A 707 -12.31 27.24 -11.64
CA THR A 707 -11.32 27.69 -10.66
C THR A 707 -9.94 27.07 -10.87
N ALA A 708 -9.86 25.92 -11.53
CA ALA A 708 -8.56 25.25 -11.66
C ALA A 708 -7.53 26.12 -12.36
N ALA A 709 -7.96 27.09 -13.17
CA ALA A 709 -7.02 27.98 -13.83
C ALA A 709 -6.24 28.79 -12.80
N ASP A 710 -6.95 29.49 -11.92
CA ASP A 710 -6.27 30.25 -10.88
C ASP A 710 -5.44 29.35 -9.98
N ILE A 711 -5.88 28.10 -9.78
CA ILE A 711 -5.12 27.17 -8.94
C ILE A 711 -3.69 27.04 -9.47
N LEU A 712 -3.56 26.59 -10.73
CA LEU A 712 -2.24 26.40 -11.30
C LEU A 712 -1.36 27.62 -11.11
N LEU A 713 -1.95 28.81 -11.25
CA LEU A 713 -1.17 30.04 -11.06
C LEU A 713 -0.56 30.09 -9.66
N ARG A 714 -1.39 29.94 -8.63
CA ARG A 714 -0.89 30.03 -7.27
C ARG A 714 0.20 29.01 -7.00
N LEU A 715 0.06 27.81 -7.56
CA LEU A 715 1.08 26.78 -7.35
C LEU A 715 2.36 27.11 -8.11
N CYS A 716 2.22 27.64 -9.34
CA CYS A 716 3.40 28.06 -10.08
C CYS A 716 4.22 29.06 -9.29
N VAL A 717 3.55 30.02 -8.64
CA VAL A 717 4.27 30.98 -7.81
C VAL A 717 4.89 30.27 -6.61
N LEU A 718 4.17 29.31 -6.03
CA LEU A 718 4.71 28.59 -4.89
C LEU A 718 5.94 27.78 -5.28
N TRP A 719 5.90 27.09 -6.41
CA TRP A 719 7.05 26.33 -6.86
C TRP A 719 8.25 27.25 -7.10
N ASP A 720 8.03 28.34 -7.83
CA ASP A 720 9.10 29.30 -8.08
C ASP A 720 9.66 29.82 -6.77
N ASP A 721 8.79 30.36 -5.91
CA ASP A 721 9.24 30.84 -4.60
C ASP A 721 10.00 29.75 -3.86
N LEU A 722 9.51 28.52 -3.92
CA LEU A 722 10.17 27.42 -3.22
C LEU A 722 11.53 27.11 -3.83
N GLN A 723 11.60 27.12 -5.16
CA GLN A 723 12.85 26.77 -5.83
C GLN A 723 13.92 27.82 -5.60
N SER A 724 13.57 29.09 -5.78
CA SER A 724 14.57 30.16 -5.74
C SER A 724 15.10 30.36 -4.32
N SER A 725 14.23 30.27 -3.32
CA SER A 725 14.63 30.58 -1.96
C SER A 725 15.70 29.61 -1.47
N VAL A 726 16.55 30.09 -0.57
CA VAL A 726 17.63 29.31 0.02
C VAL A 726 17.54 29.48 1.53
N ILE A 727 17.10 28.43 2.22
CA ILE A 727 16.79 28.46 3.65
C ILE A 727 17.17 27.08 4.18
N PRO A 728 17.88 26.95 5.31
CA PRO A 728 18.69 25.73 5.52
C PRO A 728 17.97 24.44 5.20
N GLU A 729 16.70 24.31 5.55
CA GLU A 729 15.88 23.18 5.11
C GLU A 729 15.00 23.66 3.97
N VAL A 730 15.05 22.95 2.85
CA VAL A 730 14.39 23.38 1.63
C VAL A 730 13.48 22.28 1.10
N ASP A 731 14.07 21.17 0.71
CA ASP A 731 13.37 20.10 0.00
C ASP A 731 12.43 20.68 -1.04
N ARG A 732 12.99 21.53 -1.90
CA ARG A 732 12.19 22.11 -2.98
C ARG A 732 11.50 21.03 -3.80
N GLU A 733 12.03 19.82 -3.78
CA GLU A 733 11.40 18.68 -4.45
C GLU A 733 10.26 18.10 -3.63
N ALA A 734 9.88 18.75 -2.52
CA ALA A 734 8.75 18.34 -1.71
C ALA A 734 7.41 18.66 -2.34
N MET A 735 7.40 19.11 -3.60
CA MET A 735 6.18 19.49 -4.27
C MET A 735 6.28 19.06 -5.74
N LEU A 736 5.11 18.89 -6.35
CA LEU A 736 5.06 18.45 -7.74
C LEU A 736 5.55 19.57 -8.67
N LYS A 737 6.04 19.16 -9.83
CA LYS A 737 6.47 20.15 -10.81
C LYS A 737 5.26 20.65 -11.60
N PRO A 738 5.20 21.94 -11.93
CA PRO A 738 4.00 22.48 -12.59
C PRO A 738 3.58 21.74 -13.84
N ASN A 739 4.49 21.07 -14.54
CA ASN A 739 4.09 20.30 -15.71
C ASN A 739 3.20 19.13 -15.30
N ILE A 740 3.56 18.43 -14.22
CA ILE A 740 2.73 17.34 -13.73
C ILE A 740 1.38 17.87 -13.28
N ILE A 741 1.40 18.94 -12.49
CA ILE A 741 0.15 19.52 -11.99
C ILE A 741 -0.75 19.90 -13.15
N PHE A 742 -0.17 20.45 -14.22
CA PHE A 742 -0.97 20.84 -15.38
C PHE A 742 -1.67 19.62 -15.97
N GLN A 743 -0.91 18.55 -16.25
CA GLN A 743 -1.52 17.32 -16.72
C GLN A 743 -2.63 16.87 -15.78
N GLN A 744 -2.40 16.99 -14.47
CA GLN A 744 -3.40 16.58 -13.49
C GLN A 744 -4.71 17.32 -13.71
N LEU A 745 -4.65 18.65 -13.76
CA LEU A 745 -5.88 19.43 -13.95
C LEU A 745 -6.53 19.16 -15.30
N LEU A 746 -5.74 18.88 -16.33
CA LEU A 746 -6.32 18.50 -17.61
C LEU A 746 -7.01 17.16 -17.52
N PHE A 747 -6.46 16.24 -16.74
CA PHE A 747 -7.08 14.93 -16.55
C PHE A 747 -8.46 15.09 -15.91
N TRP A 748 -8.52 15.72 -14.74
CA TRP A 748 -9.78 15.84 -14.01
C TRP A 748 -10.83 16.54 -14.86
N THR A 749 -10.46 17.66 -15.50
CA THR A 749 -11.41 18.41 -16.31
C THR A 749 -11.75 17.72 -17.62
N ASP A 750 -11.12 16.61 -17.94
CA ASP A 750 -11.36 15.95 -19.21
C ASP A 750 -12.78 15.41 -19.24
N PRO A 751 -13.65 15.88 -20.14
CA PRO A 751 -15.04 15.40 -20.14
C PRO A 751 -15.19 13.94 -20.50
N ARG A 752 -14.14 13.30 -21.02
CA ARG A 752 -14.19 11.89 -21.32
C ARG A 752 -14.32 11.03 -20.06
N ASN A 753 -13.92 11.56 -18.91
CA ASN A 753 -13.90 10.80 -17.68
C ASN A 753 -15.17 10.94 -16.86
N LEU A 754 -16.25 11.48 -17.44
CA LEU A 754 -17.53 11.49 -16.75
C LEU A 754 -18.11 10.08 -16.72
N VAL A 755 -18.44 9.60 -15.51
CA VAL A 755 -18.91 8.23 -15.36
C VAL A 755 -20.20 8.02 -16.15
N ASN A 756 -21.13 8.97 -16.07
CA ASN A 756 -22.40 8.85 -16.76
C ASN A 756 -22.30 9.57 -18.11
N GLN A 757 -22.23 8.78 -19.18
CA GLN A 757 -22.15 9.32 -20.53
C GLN A 757 -23.57 9.43 -21.10
N THR A 758 -24.08 10.66 -21.18
CA THR A 758 -25.39 10.90 -21.78
C THR A 758 -25.37 10.73 -23.28
N GLY A 759 -24.21 10.53 -23.90
CA GLY A 759 -24.13 10.48 -25.34
C GLY A 759 -23.96 11.88 -25.90
N SER A 760 -24.54 12.87 -25.22
CA SER A 760 -24.39 14.26 -25.61
C SER A 760 -23.46 15.02 -24.68
N THR A 761 -22.68 14.31 -23.87
CA THR A 761 -21.66 14.95 -23.04
C THR A 761 -20.33 15.07 -23.76
N LYS A 762 -20.24 14.57 -25.00
CA LYS A 762 -19.01 14.68 -25.78
C LYS A 762 -18.87 16.03 -26.45
N LYS A 763 -19.92 16.84 -26.44
CA LYS A 763 -19.85 18.22 -26.89
C LYS A 763 -19.56 19.19 -25.75
N ASP A 764 -19.26 18.66 -24.56
CA ASP A 764 -18.96 19.52 -23.43
C ASP A 764 -17.67 20.30 -23.69
N THR A 765 -17.66 21.56 -23.28
CA THR A 765 -16.54 22.47 -23.53
C THR A 765 -15.77 22.77 -22.25
N VAL A 766 -15.92 21.96 -21.21
CA VAL A 766 -15.39 22.30 -19.90
C VAL A 766 -13.88 22.45 -19.96
N GLN A 767 -13.20 21.55 -20.67
CA GLN A 767 -11.74 21.62 -20.70
C GLN A 767 -11.26 22.80 -21.54
N LEU A 768 -11.98 23.13 -22.61
CA LEU A 768 -11.62 24.28 -23.41
C LEU A 768 -11.65 25.55 -22.57
N THR A 769 -12.79 25.81 -21.92
CA THR A 769 -12.90 27.02 -21.11
C THR A 769 -11.81 27.07 -20.05
N PHE A 770 -11.47 25.92 -19.46
CA PHE A 770 -10.34 25.86 -18.56
C PHE A 770 -9.08 26.36 -19.23
N LEU A 771 -8.74 25.78 -20.38
CA LEU A 771 -7.50 26.17 -21.06
C LEU A 771 -7.54 27.64 -21.46
N ILE A 772 -8.69 28.12 -21.96
CA ILE A 772 -8.81 29.53 -22.25
C ILE A 772 -8.48 30.36 -21.02
N ASP A 773 -8.96 29.93 -19.85
CA ASP A 773 -8.67 30.66 -18.62
C ASP A 773 -7.19 30.62 -18.29
N VAL A 774 -6.48 29.55 -18.65
CA VAL A 774 -5.06 29.47 -18.36
C VAL A 774 -4.27 30.37 -19.30
N LEU A 775 -4.69 30.47 -20.56
CA LEU A 775 -3.98 31.30 -21.52
C LEU A 775 -4.03 32.77 -21.11
N LYS A 776 -5.21 33.26 -20.68
CA LYS A 776 -5.28 34.60 -20.12
C LYS A 776 -4.38 34.74 -18.91
N ILE A 777 -4.11 33.65 -18.21
CA ILE A 777 -3.19 33.66 -17.08
C ILE A 777 -1.75 33.49 -17.52
N TYR A 778 -1.52 32.94 -18.72
CA TYR A 778 -0.16 32.68 -19.18
C TYR A 778 0.72 33.91 -19.11
N ALA A 779 0.12 35.10 -19.20
CA ALA A 779 0.89 36.34 -19.21
C ALA A 779 1.38 36.73 -17.82
N GLN A 780 0.81 36.16 -16.76
CA GLN A 780 1.21 36.56 -15.41
C GLN A 780 2.45 35.82 -14.93
N ILE A 781 2.69 34.61 -15.42
CA ILE A 781 3.94 33.93 -15.09
C ILE A 781 5.11 34.63 -15.77
N GLU A 782 6.30 34.46 -15.20
CA GLU A 782 7.48 35.18 -15.68
C GLU A 782 8.68 34.30 -15.99
N LYS A 783 8.73 33.06 -15.50
CA LYS A 783 9.87 32.20 -15.72
C LYS A 783 9.68 31.38 -16.98
N LYS A 784 10.73 31.33 -17.82
CA LYS A 784 10.65 30.57 -19.06
C LYS A 784 10.26 29.12 -18.78
N GLU A 785 11.06 28.44 -17.96
CA GLU A 785 10.87 27.01 -17.73
C GLU A 785 9.42 26.69 -17.38
N ILE A 786 8.85 27.43 -16.43
CA ILE A 786 7.46 27.18 -16.06
C ILE A 786 6.56 27.33 -17.29
N LYS A 787 6.72 28.43 -18.02
CA LYS A 787 5.92 28.64 -19.22
C LYS A 787 6.06 27.46 -20.19
N LYS A 788 7.28 26.96 -20.35
CA LYS A 788 7.47 25.76 -21.16
C LYS A 788 6.67 24.59 -20.58
N MET A 789 6.78 24.37 -19.27
CA MET A 789 6.08 23.27 -18.63
C MET A 789 4.59 23.31 -18.95
N ILE A 790 3.98 24.49 -18.89
CA ILE A 790 2.57 24.62 -19.22
C ILE A 790 2.34 24.30 -20.69
N ILE A 791 3.15 24.90 -21.57
CA ILE A 791 2.90 24.79 -23.00
C ILE A 791 3.13 23.36 -23.49
N THR A 792 4.14 22.68 -22.96
CA THR A 792 4.49 21.36 -23.47
C THR A 792 3.35 20.38 -23.36
N ASN A 793 2.50 20.52 -22.34
CA ASN A 793 1.45 19.56 -22.04
C ASN A 793 0.06 20.04 -22.44
N ILE A 794 -0.04 21.11 -23.23
CA ILE A 794 -1.34 21.61 -23.64
C ILE A 794 -2.03 20.73 -24.67
N ASN A 795 -1.32 19.75 -25.22
CA ASN A 795 -1.87 18.90 -26.26
C ASN A 795 -2.54 17.64 -25.73
N ALA A 796 -2.66 17.51 -24.40
CA ALA A 796 -3.49 16.47 -23.82
C ALA A 796 -4.97 16.82 -23.89
N ILE A 797 -5.33 17.97 -24.47
CA ILE A 797 -6.71 18.40 -24.60
C ILE A 797 -7.52 17.36 -25.35
N PHE A 798 -8.85 17.51 -25.32
CA PHE A 798 -9.75 16.69 -26.13
C PHE A 798 -10.62 17.62 -26.95
N LEU A 799 -10.46 17.58 -28.27
CA LEU A 799 -11.18 18.43 -29.19
C LEU A 799 -12.04 17.58 -30.10
N SER A 800 -13.30 17.98 -30.28
CA SER A 800 -14.25 17.23 -31.10
C SER A 800 -15.03 18.18 -31.98
N SER A 801 -15.55 17.63 -33.08
CA SER A 801 -16.30 18.44 -34.04
C SER A 801 -17.63 18.92 -33.45
N GLU A 802 -18.24 18.12 -32.56
CA GLU A 802 -19.51 18.51 -31.99
C GLU A 802 -19.36 19.64 -30.98
N GLN A 803 -18.18 19.85 -30.42
CA GLN A 803 -17.96 20.97 -29.51
C GLN A 803 -18.36 22.27 -30.18
N ASP A 804 -18.85 23.22 -29.37
CA ASP A 804 -19.31 24.51 -29.84
C ASP A 804 -18.33 25.10 -30.85
N TYR A 805 -18.81 26.03 -31.70
CA TYR A 805 -17.95 26.64 -32.71
C TYR A 805 -17.22 27.86 -32.20
N SER A 806 -17.90 28.72 -31.43
CA SER A 806 -17.29 29.98 -31.02
C SER A 806 -16.20 29.76 -29.97
N THR A 807 -16.33 28.73 -29.14
CA THR A 807 -15.36 28.52 -28.07
C THR A 807 -14.01 28.10 -28.64
N LEU A 808 -14.01 27.22 -29.65
CA LEU A 808 -12.76 26.88 -30.32
C LEU A 808 -12.15 28.11 -30.98
N LYS A 809 -12.99 28.93 -31.62
CA LYS A 809 -12.51 30.17 -32.21
C LYS A 809 -11.81 31.03 -31.18
N GLU A 810 -12.45 31.22 -30.03
CA GLU A 810 -11.81 31.98 -28.94
C GLU A 810 -10.47 31.36 -28.57
N LEU A 811 -10.46 30.05 -28.28
CA LEU A 811 -9.21 29.40 -27.91
C LEU A 811 -8.16 29.56 -29.01
N LEU A 812 -8.57 29.49 -30.27
CA LEU A 812 -7.62 29.68 -31.35
C LEU A 812 -7.07 31.11 -31.35
N GLU A 813 -7.94 32.10 -31.14
CA GLU A 813 -7.49 33.49 -31.15
C GLU A 813 -6.51 33.78 -30.03
N TYR A 814 -6.65 33.13 -28.88
CA TYR A 814 -5.68 33.27 -27.81
C TYR A 814 -4.41 32.49 -28.11
N SER A 815 -4.54 31.29 -28.68
CA SER A 815 -3.37 30.47 -28.94
C SER A 815 -2.45 31.13 -29.97
N ASP A 816 -2.99 31.49 -31.13
CA ASP A 816 -2.16 32.11 -32.16
C ASP A 816 -1.57 33.41 -31.65
N ASP A 817 -2.34 34.19 -30.89
CA ASP A 817 -1.84 35.44 -30.33
C ASP A 817 -0.55 35.21 -29.56
N ILE A 818 -0.54 34.20 -28.69
CA ILE A 818 0.66 33.90 -27.91
C ILE A 818 1.76 33.37 -28.82
N ALA A 819 1.39 32.59 -29.84
CA ALA A 819 2.39 31.92 -30.67
C ALA A 819 3.21 32.92 -31.48
N GLU A 820 2.58 33.98 -31.99
CA GLU A 820 3.20 34.85 -32.97
C GLU A 820 3.49 36.26 -32.44
N ASN A 821 3.29 36.50 -31.15
CA ASN A 821 3.68 37.76 -30.53
C ASN A 821 4.56 37.54 -29.30
N ASP A 822 5.30 36.44 -29.28
CA ASP A 822 6.21 36.16 -28.18
C ASP A 822 7.32 35.25 -28.69
N ASN A 823 8.48 35.36 -28.05
CA ASN A 823 9.60 34.50 -28.37
C ASN A 823 9.41 33.16 -27.67
N LEU A 824 9.31 32.08 -28.46
CA LEU A 824 9.01 30.77 -27.93
C LEU A 824 10.27 29.91 -27.85
N ASP A 825 10.12 28.77 -27.21
CA ASP A 825 11.15 27.73 -27.16
C ASP A 825 10.79 26.65 -28.16
N ASN A 826 11.74 26.33 -29.04
CA ASN A 826 11.50 25.40 -30.14
C ASN A 826 10.60 24.25 -29.71
N VAL A 827 10.87 23.68 -28.53
CA VAL A 827 9.97 22.67 -27.98
C VAL A 827 8.57 23.24 -27.84
N SER A 828 8.43 24.37 -27.14
CA SER A 828 7.12 24.95 -26.91
C SER A 828 6.50 25.51 -28.19
N LYS A 829 7.33 25.85 -29.18
CA LYS A 829 6.81 26.40 -30.42
C LYS A 829 6.11 25.35 -31.26
N ASN A 830 6.75 24.18 -31.43
CA ASN A 830 6.14 23.12 -32.22
C ASN A 830 4.87 22.60 -31.57
N ALA A 831 4.93 22.30 -30.26
CA ALA A 831 3.75 21.80 -29.58
C ALA A 831 2.60 22.79 -29.67
N LEU A 832 2.90 24.09 -29.58
CA LEU A 832 1.85 25.09 -29.70
C LEU A 832 1.35 25.18 -31.14
N ASP A 833 2.25 25.30 -32.10
CA ASP A 833 1.86 25.27 -33.51
C ASP A 833 0.96 24.08 -33.79
N LYS A 834 1.27 22.92 -33.20
CA LYS A 834 0.44 21.74 -33.36
C LYS A 834 -0.98 22.01 -32.89
N LEU A 835 -1.13 22.46 -31.64
CA LEU A 835 -2.44 22.78 -31.10
C LEU A 835 -3.20 23.71 -32.05
N ARG A 836 -2.55 24.78 -32.49
CA ARG A 836 -3.19 25.66 -33.46
C ARG A 836 -3.72 24.86 -34.64
N ASN A 837 -2.87 23.98 -35.18
CA ASN A 837 -3.25 23.23 -36.38
C ASN A 837 -4.48 22.36 -36.12
N ASN A 838 -4.54 21.73 -34.94
CA ASN A 838 -5.69 20.90 -34.61
C ASN A 838 -6.98 21.67 -34.78
N LEU A 839 -7.01 22.90 -34.28
CA LEU A 839 -8.20 23.72 -34.48
C LEU A 839 -8.45 23.90 -35.96
N ASN A 840 -7.58 24.68 -36.62
CA ASN A 840 -7.76 25.10 -38.02
C ASN A 840 -8.46 24.03 -38.86
N SER A 841 -7.87 22.84 -38.93
CA SER A 841 -8.53 21.69 -39.56
C SER A 841 -9.93 21.50 -39.00
N LEU A 842 -10.07 21.62 -37.68
CA LEU A 842 -11.36 21.46 -37.05
C LEU A 842 -12.36 22.50 -37.53
N ILE A 843 -11.89 23.74 -37.79
CA ILE A 843 -12.83 24.81 -38.11
C ILE A 843 -13.46 24.56 -39.48
N GLU A 844 -12.69 24.00 -40.43
CA GLU A 844 -13.29 23.55 -41.69
C GLU A 844 -14.40 22.53 -41.43
N GLU A 845 -14.11 21.51 -40.63
CA GLU A 845 -15.11 20.49 -40.32
C GLU A 845 -16.43 21.13 -39.91
N ILE A 846 -16.38 21.97 -38.88
CA ILE A 846 -17.62 22.57 -38.37
C ILE A 846 -18.15 23.61 -39.35
N ASN A 847 -17.27 24.31 -40.09
CA ASN A 847 -17.68 25.43 -40.94
C ASN A 847 -18.61 25.01 -42.06
N GLU A 848 -18.78 23.71 -42.27
CA GLU A 848 -19.53 23.19 -43.40
C GLU A 848 -20.94 22.88 -42.93
N ARG A 849 -21.92 23.54 -43.54
CA ARG A 849 -23.31 23.31 -43.23
C ARG A 849 -23.67 21.84 -43.43
N MET B 6 -32.93 2.32 -0.96
CA MET B 6 -32.51 3.03 -2.15
C MET B 6 -31.14 2.52 -2.61
N SER B 7 -30.34 3.41 -3.21
CA SER B 7 -28.94 3.15 -3.48
C SER B 7 -28.72 2.27 -4.71
N ILE B 8 -29.56 2.41 -5.73
CA ILE B 8 -29.30 1.74 -7.00
C ILE B 8 -28.20 2.48 -7.74
N PHE B 9 -28.30 3.81 -7.78
CA PHE B 9 -27.31 4.63 -8.45
C PHE B 9 -26.03 4.72 -7.62
N GLU B 10 -26.16 4.74 -6.29
CA GLU B 10 -24.99 4.92 -5.44
C GLU B 10 -24.15 3.66 -5.38
N LYS B 11 -24.79 2.49 -5.29
CA LYS B 11 -24.04 1.25 -5.34
C LYS B 11 -23.44 1.04 -6.73
N ASP B 12 -24.14 1.49 -7.77
CA ASP B 12 -23.60 1.40 -9.12
C ASP B 12 -22.25 2.10 -9.23
N LEU B 13 -22.19 3.37 -8.82
CA LEU B 13 -20.96 4.13 -8.96
C LEU B 13 -19.91 3.70 -7.94
N MET B 14 -20.33 3.44 -6.69
CA MET B 14 -19.43 2.89 -5.69
C MET B 14 -18.58 1.78 -6.28
N ALA B 15 -19.21 0.82 -6.95
CA ALA B 15 -18.50 -0.32 -7.51
C ALA B 15 -17.49 0.13 -8.57
N TYR B 16 -17.82 1.17 -9.34
CA TYR B 16 -16.98 1.56 -10.45
C TYR B 16 -15.67 2.18 -9.98
N PHE B 17 -15.74 3.10 -9.03
CA PHE B 17 -14.55 3.89 -8.68
C PHE B 17 -13.49 3.03 -8.01
N ASP B 18 -13.89 2.19 -7.05
CA ASP B 18 -12.92 1.37 -6.33
C ASP B 18 -12.10 0.52 -7.29
N GLU B 19 -12.77 -0.25 -8.13
CA GLU B 19 -12.06 -1.14 -9.06
C GLU B 19 -11.17 -0.36 -10.01
N ASN B 20 -11.59 0.85 -10.39
CA ASN B 20 -10.86 1.62 -11.39
C ASN B 20 -9.67 2.38 -10.79
N LEU B 21 -9.78 2.80 -9.54
CA LEU B 21 -8.76 3.64 -8.92
C LEU B 21 -8.03 2.91 -7.80
N ASN B 22 -7.47 1.73 -8.09
CA ASN B 22 -6.73 1.00 -7.08
C ASN B 22 -5.23 1.26 -7.14
N ARG B 23 -4.70 1.62 -8.31
CA ARG B 23 -3.29 1.98 -8.44
C ARG B 23 -3.05 3.47 -8.28
N ASN B 24 -4.10 4.27 -8.12
CA ASN B 24 -3.99 5.70 -7.92
C ASN B 24 -4.11 6.09 -6.44
N TRP B 25 -3.90 5.14 -5.54
CA TRP B 25 -4.17 5.42 -4.12
C TRP B 25 -3.11 6.32 -3.52
N ARG B 26 -1.86 6.22 -3.99
CA ARG B 26 -0.87 7.22 -3.59
C ARG B 26 -1.20 8.58 -4.17
N GLY B 27 -1.78 8.60 -5.38
CA GLY B 27 -2.30 9.81 -5.97
C GLY B 27 -1.34 10.98 -6.03
N ARG B 28 -0.06 10.72 -5.83
CA ARG B 28 0.98 11.75 -5.82
C ARG B 28 2.01 11.32 -6.86
N GLU B 29 1.93 11.92 -8.05
CA GLU B 29 2.77 11.57 -9.19
C GLU B 29 2.85 10.06 -9.42
N HIS B 30 1.89 9.31 -8.88
CA HIS B 30 1.79 7.87 -9.15
C HIS B 30 0.38 7.54 -9.62
N TRP B 31 0.02 8.13 -10.76
CA TRP B 31 -1.31 8.02 -11.35
C TRP B 31 -1.13 7.71 -12.83
N LYS B 32 -0.91 6.43 -13.14
CA LYS B 32 -0.73 6.00 -14.52
C LYS B 32 -1.73 6.73 -15.41
N VAL B 33 -3.02 6.42 -15.26
CA VAL B 33 -4.10 7.31 -15.72
C VAL B 33 -5.39 6.81 -15.09
N LYS B 52 15.70 -16.63 -34.99
CA LYS B 52 15.65 -15.50 -35.89
C LYS B 52 16.89 -15.46 -36.78
N LYS B 53 17.95 -14.81 -36.32
CA LYS B 53 19.17 -14.71 -37.11
C LYS B 53 20.06 -15.94 -36.91
N VAL B 54 19.99 -16.57 -35.75
CA VAL B 54 20.83 -17.70 -35.39
C VAL B 54 22.25 -17.46 -35.87
N LEU B 55 22.75 -16.24 -35.69
CA LEU B 55 24.11 -15.91 -36.08
C LEU B 55 25.10 -16.86 -35.42
N GLU B 56 26.26 -17.02 -36.07
CA GLU B 56 27.30 -17.92 -35.59
C GLU B 56 28.61 -17.18 -35.38
N ILE B 57 29.43 -17.72 -34.49
CA ILE B 57 30.79 -17.23 -34.26
C ILE B 57 31.75 -18.30 -34.77
N ASP B 58 32.66 -17.90 -35.65
CA ASP B 58 33.71 -18.80 -36.12
C ASP B 58 34.91 -18.64 -35.19
N PHE B 59 35.08 -19.58 -34.28
CA PHE B 59 36.15 -19.52 -33.31
C PHE B 59 37.52 -19.82 -33.90
N PHE B 60 37.57 -20.21 -35.18
CA PHE B 60 38.84 -20.50 -35.84
C PHE B 60 39.51 -19.26 -36.41
N LYS B 61 38.72 -18.32 -36.94
CA LYS B 61 39.28 -17.12 -37.53
C LYS B 61 40.07 -16.33 -36.51
N THR B 62 41.08 -15.60 -36.98
CA THR B 62 41.96 -14.84 -36.11
C THR B 62 41.78 -13.35 -36.34
N ASP B 63 40.57 -12.85 -36.09
CA ASP B 63 40.32 -11.42 -35.99
C ASP B 63 40.60 -10.90 -34.59
N ASP B 64 41.63 -11.45 -33.94
CA ASP B 64 41.78 -11.33 -32.50
C ASP B 64 42.20 -9.95 -32.05
N SER B 65 42.63 -9.06 -32.94
CA SER B 65 42.93 -7.69 -32.52
C SER B 65 41.70 -7.00 -31.95
N PHE B 66 40.50 -7.50 -32.24
CA PHE B 66 39.31 -7.02 -31.55
C PHE B 66 39.33 -7.41 -30.08
N GLU B 67 40.07 -8.46 -29.72
CA GLU B 67 40.22 -8.80 -28.31
C GLU B 67 40.52 -7.56 -27.48
N ASP B 68 41.43 -6.71 -27.98
CA ASP B 68 41.79 -5.51 -27.25
C ASP B 68 40.64 -4.50 -27.23
N LYS B 69 39.73 -4.55 -28.21
CA LYS B 69 38.55 -3.69 -28.16
C LYS B 69 37.67 -4.03 -26.97
N VAL B 70 37.67 -5.31 -26.55
CA VAL B 70 36.87 -5.71 -25.41
C VAL B 70 37.42 -5.11 -24.12
N PHE B 71 38.73 -4.93 -24.04
CA PHE B 71 39.38 -4.49 -22.81
C PHE B 71 39.76 -3.01 -22.83
N ALA B 72 39.21 -2.24 -23.75
CA ALA B 72 39.51 -0.81 -23.79
C ALA B 72 39.07 -0.15 -22.48
N SER B 73 39.73 0.93 -22.12
CA SER B 73 39.39 1.67 -20.91
C SER B 73 38.10 2.45 -21.11
N LYS B 74 37.48 2.83 -19.99
CA LYS B 74 36.18 3.47 -20.06
C LYS B 74 36.24 4.80 -20.80
N GLY B 75 37.25 5.61 -20.49
CA GLY B 75 37.37 6.93 -21.08
C GLY B 75 36.23 7.86 -20.74
N ARG B 76 35.48 8.29 -21.76
CA ARG B 76 34.41 9.25 -21.55
C ARG B 76 33.15 8.59 -21.02
N THR B 77 32.84 7.37 -21.50
CA THR B 77 31.64 6.69 -21.06
C THR B 77 31.60 6.57 -19.54
N LYS B 78 30.47 6.97 -18.95
CA LYS B 78 30.35 6.99 -17.50
C LYS B 78 30.30 5.57 -16.94
N ILE B 79 29.51 4.70 -17.55
CA ILE B 79 29.26 3.34 -17.09
C ILE B 79 29.29 3.25 -15.56
N ASP B 80 28.78 4.27 -14.89
CA ASP B 80 28.59 4.22 -13.45
C ASP B 80 27.33 5.01 -13.09
N MET B 81 26.87 4.80 -11.87
CA MET B 81 25.63 5.42 -11.42
C MET B 81 25.95 6.74 -10.74
N PRO B 82 25.21 7.81 -11.03
CA PRO B 82 25.42 9.06 -10.28
C PRO B 82 25.14 8.85 -8.78
N ILE B 83 25.93 9.54 -7.95
CA ILE B 83 25.81 9.34 -6.51
C ILE B 83 24.44 9.76 -6.00
N LYS B 84 23.69 10.56 -6.77
CA LYS B 84 22.34 10.91 -6.36
C LYS B 84 21.48 9.67 -6.17
N ASN B 85 21.57 8.72 -7.11
CA ASN B 85 20.71 7.54 -7.10
C ASN B 85 21.25 6.41 -6.24
N ARG B 86 22.51 6.46 -5.82
CA ARG B 86 23.08 5.37 -5.04
C ARG B 86 22.51 5.29 -3.63
N LYS B 87 21.75 6.30 -3.21
CA LYS B 87 21.11 6.28 -1.89
C LYS B 87 19.74 6.91 -2.01
N ASN B 88 18.73 6.25 -1.44
CA ASN B 88 17.38 6.77 -1.43
C ASN B 88 16.81 6.61 -0.03
N ASP B 89 16.19 7.67 0.49
CA ASP B 89 15.66 7.64 1.85
C ASP B 89 14.33 6.91 1.93
N THR B 90 13.51 7.00 0.89
CA THR B 90 12.24 6.27 0.90
C THR B 90 12.46 4.77 1.02
N HIS B 91 13.63 4.29 0.61
CA HIS B 91 13.93 2.86 0.55
C HIS B 91 13.01 2.12 -0.42
N TYR B 92 12.20 2.84 -1.19
CA TYR B 92 11.30 2.23 -2.17
C TYR B 92 10.24 1.37 -1.49
N LEU B 93 9.77 1.82 -0.33
CA LEU B 93 8.68 1.17 0.38
C LEU B 93 7.39 1.93 0.16
N LEU B 94 6.28 1.21 0.20
CA LEU B 94 4.98 1.85 0.07
C LEU B 94 4.75 2.79 1.26
N PRO B 95 3.96 3.84 1.08
CA PRO B 95 3.50 4.63 2.23
C PRO B 95 2.35 3.92 2.94
N ASP B 96 2.15 4.31 4.19
CA ASP B 96 1.10 3.70 5.00
C ASP B 96 -0.23 3.83 4.27
N ASP B 97 -0.98 2.74 4.22
CA ASP B 97 -2.22 2.66 3.45
C ASP B 97 -3.39 2.90 4.41
N PHE B 98 -4.11 3.99 4.19
CA PHE B 98 -5.34 4.28 4.91
C PHE B 98 -6.57 3.73 4.21
N HIS B 99 -6.40 3.00 3.11
CA HIS B 99 -7.47 2.30 2.43
C HIS B 99 -8.69 3.20 2.26
N PHE B 100 -8.47 4.38 1.69
CA PHE B 100 -9.58 5.28 1.39
C PHE B 100 -10.41 4.66 0.27
N SER B 101 -11.55 4.10 0.64
CA SER B 101 -12.47 3.47 -0.30
C SER B 101 -13.80 4.20 -0.26
N THR B 102 -14.66 3.86 -1.23
CA THR B 102 -15.96 4.50 -1.29
C THR B 102 -16.81 4.21 -0.06
N ASP B 103 -16.51 3.12 0.65
CA ASP B 103 -17.25 2.81 1.87
C ASP B 103 -16.88 3.76 3.00
N ARG B 104 -15.59 4.00 3.20
CA ARG B 104 -15.14 4.89 4.26
C ARG B 104 -15.62 6.31 4.06
N ILE B 105 -16.12 6.65 2.88
CA ILE B 105 -16.54 8.01 2.58
C ILE B 105 -18.05 8.12 2.73
N THR B 106 -18.77 7.04 2.40
CA THR B 106 -20.23 7.10 2.49
C THR B 106 -20.70 7.09 3.93
N ARG B 107 -20.03 6.34 4.79
CA ARG B 107 -20.47 6.23 6.19
C ARG B 107 -20.16 7.51 6.95
N LEU B 108 -21.08 7.91 7.82
CA LEU B 108 -20.87 9.10 8.62
C LEU B 108 -19.64 8.92 9.53
N PHE B 109 -19.32 9.98 10.26
CA PHE B 109 -18.13 9.96 11.12
C PHE B 109 -18.46 9.37 12.49
N ILE B 110 -19.39 10.00 13.21
CA ILE B 110 -19.74 9.55 14.56
C ILE B 110 -20.78 8.43 14.56
N LYS B 111 -21.35 8.11 13.41
CA LYS B 111 -22.44 7.13 13.30
C LYS B 111 -22.15 6.20 12.13
N PRO B 112 -21.08 5.39 12.23
CA PRO B 112 -20.68 4.57 11.08
C PRO B 112 -21.80 3.77 10.47
N GLY B 113 -22.72 3.25 11.29
CA GLY B 113 -23.83 2.48 10.76
C GLY B 113 -24.57 3.22 9.66
N GLN B 114 -25.01 4.44 9.96
CA GLN B 114 -25.72 5.25 8.99
C GLN B 114 -24.74 5.82 7.96
N LYS B 115 -25.27 6.13 6.78
CA LYS B 115 -24.46 6.70 5.70
C LYS B 115 -25.29 7.74 4.96
N MET B 116 -24.58 8.67 4.33
CA MET B 116 -25.20 9.74 3.57
C MET B 116 -25.26 9.37 2.09
N SER B 117 -26.16 10.04 1.38
CA SER B 117 -26.46 9.70 -0.01
C SER B 117 -25.80 10.67 -0.98
N LEU B 118 -24.47 10.68 -0.94
CA LEU B 118 -23.70 11.35 -1.97
C LEU B 118 -23.59 10.46 -3.19
N PHE B 119 -23.55 11.10 -4.37
CA PHE B 119 -23.75 10.52 -5.70
C PHE B 119 -25.24 10.48 -6.03
N SER B 120 -26.09 11.07 -5.20
CA SER B 120 -27.53 11.06 -5.45
C SER B 120 -27.92 12.21 -6.37
#